data_7P4I
#
_entry.id   7P4I
#
_cell.length_a   1.00
_cell.length_b   1.00
_cell.length_c   1.00
_cell.angle_alpha   90.00
_cell.angle_beta   90.00
_cell.angle_gamma   90.00
#
_symmetry.space_group_name_H-M   'P 1'
#
_entity_poly.entity_id   1
_entity_poly.type   'polypeptide(L)'
_entity_poly.pdbx_seq_one_letter_code
;MEKSNETNGYLDSAQAGPAAGPGAPGTAAGRARRCAGFLRRQALVLLTVSGVLAGAGLGAALRGLSLSRTQVTYLAFPGE
MLLRMLRMIILPLVVCSLVSGAASLDASCLGRLGGIAVAYFGLTTLSASALAVALAFIIKPGSGAQTLQSSDLGLEDSGP
PPVPKETVDSFLDLARNLFPSNLVVAAFRTYATDYKVVTQNSSSGNVTHEKIPIGTEIEGMNILGLVLFALVLGVALKKL
GSEGEDLIRFFNSLNEATMVLVSWIMWYVPVGIMFLVGSKIVEMKDIIVLVTSLGKYIFASILGHVIHGGIVLPLIYFVF
TRKNPFRFLLGLLAPFATAFATCSSSATLPSMMKCIEENNGVDKRISRFILPIGATVNMDGAAIFQCVAAVFIAQLNNVE
LNAGQIFTILVTATASSVGAAGVPAGGVLTIAIILEAIGLPTHDLPLILAVDWIVDRTTTVVNVEGDALGAGILHHLNQK
ATKKGEQELAEVKVEAIPNCKSEEETSPLVTHQNPAGPVASAPELESKESVL
;
_entity_poly.pdbx_strand_id   A,B,C
#
# COMPACT_ATOMS: atom_id res chain seq x y z
N ALA A 36 22.22 43.74 8.70
CA ALA A 36 22.14 42.74 7.64
C ALA A 36 22.30 41.33 8.19
N GLY A 37 23.17 41.18 9.19
CA GLY A 37 23.39 39.90 9.81
C GLY A 37 22.18 39.41 10.60
N PHE A 38 21.49 40.33 11.26
CA PHE A 38 20.29 39.99 11.99
C PHE A 38 19.11 39.67 11.07
N LEU A 39 19.21 40.01 9.79
CA LEU A 39 18.11 39.77 8.86
C LEU A 39 17.83 38.29 8.72
N ARG A 40 18.87 37.46 8.65
CA ARG A 40 18.72 36.04 8.41
C ARG A 40 18.77 35.21 9.70
N ARG A 41 18.76 35.86 10.86
CA ARG A 41 18.85 35.10 12.11
C ARG A 41 17.50 34.49 12.49
N GLN A 42 16.49 35.33 12.71
CA GLN A 42 15.18 34.85 13.10
C GLN A 42 14.10 35.47 12.21
N ALA A 43 14.32 35.45 10.90
CA ALA A 43 13.40 36.10 9.98
C ALA A 43 12.07 35.37 9.87
N LEU A 44 12.06 34.04 9.96
CA LEU A 44 10.83 33.28 9.72
C LEU A 44 9.77 33.62 10.76
N VAL A 45 10.17 33.70 12.04
CA VAL A 45 9.20 34.01 13.08
C VAL A 45 8.66 35.42 12.91
N LEU A 46 9.52 36.37 12.54
CA LEU A 46 9.08 37.73 12.28
C LEU A 46 8.08 37.77 11.14
N LEU A 47 8.36 37.01 10.07
CA LEU A 47 7.42 36.97 8.94
C LEU A 47 6.09 36.37 9.36
N THR A 48 6.11 35.30 10.15
CA THR A 48 4.86 34.68 10.59
C THR A 48 4.03 35.64 11.45
N VAL A 49 4.68 36.32 12.40
CA VAL A 49 3.92 37.21 13.27
C VAL A 49 3.43 38.43 12.49
N SER A 50 4.25 38.96 11.56
CA SER A 50 3.79 40.06 10.73
C SER A 50 2.60 39.63 9.88
N GLY A 51 2.65 38.41 9.33
CA GLY A 51 1.53 37.93 8.55
C GLY A 51 0.26 37.79 9.36
N VAL A 52 0.37 37.24 10.56
CA VAL A 52 -0.83 37.03 11.36
C VAL A 52 -1.42 38.36 11.82
N LEU A 53 -0.56 39.33 12.17
CA LEU A 53 -1.10 40.64 12.56
C LEU A 53 -1.69 41.36 11.36
N ALA A 54 -1.10 41.19 10.17
CA ALA A 54 -1.68 41.78 8.97
C ALA A 54 -3.03 41.16 8.65
N GLY A 55 -3.16 39.84 8.82
CA GLY A 55 -4.45 39.21 8.63
C GLY A 55 -5.49 39.70 9.63
N ALA A 56 -5.07 39.90 10.88
CA ALA A 56 -5.97 40.48 11.88
C ALA A 56 -6.40 41.89 11.48
N GLY A 57 -5.46 42.69 10.98
CA GLY A 57 -5.79 44.03 10.53
C GLY A 57 -6.73 44.05 9.34
N LEU A 58 -6.54 43.12 8.40
CA LEU A 58 -7.46 42.97 7.28
C LEU A 58 -8.84 42.52 7.73
N GLY A 59 -8.92 41.65 8.74
CA GLY A 59 -10.20 41.36 9.35
C GLY A 59 -10.72 42.50 10.20
N ALA A 60 -9.85 43.44 10.59
CA ALA A 60 -10.25 44.62 11.35
C ALA A 60 -10.86 45.70 10.47
N ALA A 61 -11.16 45.40 9.20
CA ALA A 61 -11.85 46.35 8.34
C ALA A 61 -13.27 46.57 8.84
N LEU A 62 -14.04 47.41 8.14
CA LEU A 62 -15.43 47.65 8.53
C LEU A 62 -16.18 46.33 8.55
N ARG A 63 -17.26 46.28 9.34
CA ARG A 63 -17.75 45.07 9.97
C ARG A 63 -17.77 43.83 9.09
N GLY A 64 -18.60 43.80 8.05
CA GLY A 64 -18.59 42.60 7.23
C GLY A 64 -18.24 42.74 5.76
N LEU A 65 -18.71 43.81 5.12
CA LEU A 65 -18.48 44.05 3.69
C LEU A 65 -18.60 42.78 2.86
N SER A 66 -19.53 41.89 3.20
CA SER A 66 -19.55 40.55 2.65
C SER A 66 -20.90 40.24 2.00
N LEU A 67 -20.83 39.38 0.98
CA LEU A 67 -22.00 38.83 0.34
C LEU A 67 -22.33 37.51 1.05
N SER A 68 -23.19 36.69 0.45
CA SER A 68 -23.60 35.43 1.06
C SER A 68 -22.42 34.45 1.10
N ARG A 69 -22.69 33.25 1.59
CA ARG A 69 -21.67 32.23 1.81
C ARG A 69 -20.93 31.88 0.52
N THR A 70 -21.57 32.13 -0.62
CA THR A 70 -20.95 31.84 -1.91
C THR A 70 -19.62 32.58 -2.06
N GLN A 71 -19.57 33.83 -1.58
CA GLN A 71 -18.34 34.59 -1.65
C GLN A 71 -17.39 34.24 -0.50
N VAL A 72 -17.95 33.95 0.68
CA VAL A 72 -17.11 33.71 1.85
C VAL A 72 -16.34 32.41 1.71
N THR A 73 -16.99 31.36 1.21
CA THR A 73 -16.39 30.04 1.20
C THR A 73 -15.13 29.99 0.35
N TYR A 74 -15.17 30.59 -0.84
CA TYR A 74 -14.02 30.51 -1.72
C TYR A 74 -12.94 31.52 -1.37
N LEU A 75 -13.19 32.39 -0.38
CA LEU A 75 -12.18 33.33 0.10
C LEU A 75 -11.33 32.75 1.21
N ALA A 76 -11.59 31.51 1.63
CA ALA A 76 -10.79 30.82 2.62
C ALA A 76 -10.07 29.61 2.06
N PHE A 77 -9.85 29.57 0.75
CA PHE A 77 -9.28 28.43 0.05
C PHE A 77 -7.89 28.02 0.56
N PRO A 78 -6.93 28.96 0.73
CA PRO A 78 -5.58 28.54 1.14
C PRO A 78 -5.54 27.89 2.52
N GLY A 79 -6.48 28.23 3.39
CA GLY A 79 -6.54 27.60 4.70
C GLY A 79 -6.84 26.12 4.59
N GLU A 80 -7.82 25.79 3.76
CA GLU A 80 -8.07 24.39 3.44
C GLU A 80 -6.86 23.78 2.75
N MET A 81 -6.19 24.56 1.89
CA MET A 81 -4.95 24.10 1.29
C MET A 81 -3.87 23.81 2.32
N LEU A 82 -3.69 24.68 3.31
CA LEU A 82 -2.69 24.45 4.35
C LEU A 82 -3.02 23.22 5.18
N LEU A 83 -4.29 23.05 5.53
CA LEU A 83 -4.68 21.84 6.26
C LEU A 83 -4.44 20.59 5.43
N ARG A 84 -4.68 20.66 4.12
CA ARG A 84 -4.44 19.52 3.25
C ARG A 84 -2.96 19.15 3.23
N MET A 85 -2.09 20.14 3.10
CA MET A 85 -0.66 19.87 3.11
C MET A 85 -0.17 19.40 4.47
N LEU A 86 -0.84 19.78 5.55
CA LEU A 86 -0.48 19.23 6.86
C LEU A 86 -0.91 17.78 6.98
N ARG A 87 -2.08 17.45 6.42
CA ARG A 87 -2.55 16.06 6.43
C ARG A 87 -1.75 15.20 5.46
N MET A 88 -1.05 15.83 4.52
CA MET A 88 -0.22 15.11 3.56
C MET A 88 0.62 14.02 4.21
N ILE A 89 1.46 14.38 5.19
CA ILE A 89 2.50 13.50 5.69
C ILE A 89 2.21 12.95 7.06
N ILE A 90 0.93 12.85 7.46
CA ILE A 90 0.64 12.27 8.77
C ILE A 90 0.98 10.79 8.80
N LEU A 91 0.71 10.07 7.70
CA LEU A 91 0.93 8.63 7.69
C LEU A 91 2.41 8.25 7.63
N PRO A 92 3.19 8.70 6.65
CA PRO A 92 4.58 8.21 6.57
C PRO A 92 5.41 8.52 7.81
N LEU A 93 5.22 9.69 8.41
CA LEU A 93 5.98 10.04 9.60
C LEU A 93 5.64 9.08 10.74
N VAL A 94 4.35 8.91 11.03
CA VAL A 94 3.96 8.08 12.16
C VAL A 94 4.30 6.62 11.93
N VAL A 95 4.39 6.19 10.67
CA VAL A 95 4.67 4.79 10.40
C VAL A 95 6.18 4.53 10.32
N CYS A 96 6.99 5.56 10.09
CA CYS A 96 8.42 5.33 9.94
C CYS A 96 9.22 5.75 11.17
N SER A 97 9.01 6.99 11.65
CA SER A 97 9.81 7.49 12.76
C SER A 97 9.57 6.67 14.03
N LEU A 98 8.33 6.26 14.27
CA LEU A 98 8.03 5.46 15.45
C LEU A 98 8.78 4.13 15.42
N VAL A 99 8.77 3.46 14.26
CA VAL A 99 9.49 2.19 14.14
C VAL A 99 10.98 2.41 14.31
N SER A 100 11.52 3.46 13.70
CA SER A 100 12.94 3.74 13.83
C SER A 100 13.33 4.00 15.28
N GLY A 101 12.52 4.75 16.01
CA GLY A 101 12.77 5.01 17.41
C GLY A 101 12.69 3.76 18.25
N ALA A 102 11.69 2.91 17.98
CA ALA A 102 11.56 1.67 18.70
C ALA A 102 12.67 0.68 18.40
N ALA A 103 13.34 0.82 17.25
CA ALA A 103 14.46 -0.05 16.93
C ALA A 103 15.65 0.18 17.86
N SER A 104 15.91 1.43 18.23
CA SER A 104 17.03 1.75 19.11
C SER A 104 16.70 1.59 20.58
N LEU A 105 15.44 1.31 20.92
CA LEU A 105 15.03 1.15 22.30
C LEU A 105 15.55 -0.18 22.85
N ASP A 106 15.67 -0.24 24.18
CA ASP A 106 16.11 -1.44 24.90
C ASP A 106 17.52 -1.84 24.46
N ALA A 107 18.47 -0.96 24.80
CA ALA A 107 19.86 -1.16 24.42
C ALA A 107 20.49 -2.29 25.24
N SER A 108 20.06 -3.52 24.97
CA SER A 108 20.58 -4.74 25.60
C SER A 108 20.37 -4.77 27.10
N CYS A 109 19.59 -3.83 27.65
CA CYS A 109 19.34 -3.73 29.08
C CYS A 109 20.65 -3.72 29.86
N LEU A 110 21.60 -2.90 29.38
CA LEU A 110 22.91 -2.83 30.02
C LEU A 110 22.81 -2.37 31.46
N GLY A 111 21.82 -1.54 31.77
CA GLY A 111 21.53 -1.18 33.14
C GLY A 111 20.29 -1.89 33.64
N ARG A 112 20.47 -2.93 34.46
CA ARG A 112 19.33 -3.70 34.94
C ARG A 112 18.40 -2.85 35.79
N LEU A 113 18.92 -1.79 36.41
CA LEU A 113 18.12 -0.83 37.15
C LEU A 113 17.64 0.32 36.29
N GLY A 114 17.89 0.26 34.98
CA GLY A 114 17.51 1.32 34.07
C GLY A 114 16.06 1.26 33.63
N GLY A 115 15.52 0.05 33.51
CA GLY A 115 14.11 -0.09 33.16
C GLY A 115 13.20 0.50 34.21
N ILE A 116 13.66 0.55 35.46
CA ILE A 116 12.91 1.24 36.52
C ILE A 116 12.73 2.71 36.16
N ALA A 117 13.76 3.33 35.60
CA ALA A 117 13.64 4.72 35.16
C ALA A 117 12.64 4.86 34.01
N VAL A 118 12.62 3.90 33.09
CA VAL A 118 11.66 3.94 32.00
C VAL A 118 10.24 3.85 32.53
N ALA A 119 10.00 2.93 33.47
CA ALA A 119 8.68 2.83 34.09
C ALA A 119 8.33 4.10 34.84
N TYR A 120 9.31 4.71 35.52
CA TYR A 120 9.08 5.96 36.22
C TYR A 120 8.66 7.06 35.26
N PHE A 121 9.34 7.17 34.11
CA PHE A 121 8.96 8.16 33.12
C PHE A 121 7.56 7.92 32.59
N GLY A 122 7.25 6.65 32.30
CA GLY A 122 5.91 6.33 31.83
C GLY A 122 4.84 6.70 32.83
N LEU A 123 5.05 6.34 34.10
CA LEU A 123 4.02 6.60 35.11
C LEU A 123 3.89 8.09 35.39
N THR A 124 5.00 8.84 35.38
CA THR A 124 4.89 10.27 35.65
C THR A 124 4.21 10.98 34.49
N THR A 125 4.48 10.55 33.25
CA THR A 125 3.77 11.12 32.11
C THR A 125 2.27 10.79 32.19
N LEU A 126 1.95 9.56 32.58
CA LEU A 126 0.55 9.17 32.72
C LEU A 126 -0.16 10.03 33.76
N SER A 127 0.47 10.19 34.92
CA SER A 127 -0.12 10.98 35.99
C SER A 127 -0.27 12.44 35.56
N ALA A 128 0.74 12.98 34.87
CA ALA A 128 0.67 14.34 34.38
C ALA A 128 -0.52 14.53 33.45
N SER A 129 -0.67 13.63 32.49
CA SER A 129 -1.79 13.72 31.55
C SER A 129 -3.12 13.63 32.29
N ALA A 130 -3.22 12.69 33.24
CA ALA A 130 -4.47 12.51 33.97
C ALA A 130 -4.85 13.75 34.76
N LEU A 131 -3.89 14.30 35.52
CA LEU A 131 -4.19 15.49 36.30
C LEU A 131 -4.51 16.68 35.40
N ALA A 132 -3.80 16.80 34.28
CA ALA A 132 -4.05 17.91 33.36
C ALA A 132 -5.47 17.85 32.81
N VAL A 133 -5.88 16.68 32.32
CA VAL A 133 -7.21 16.58 31.74
C VAL A 133 -8.28 16.75 32.81
N ALA A 134 -8.04 16.23 34.03
CA ALA A 134 -9.01 16.40 35.10
C ALA A 134 -9.18 17.87 35.46
N LEU A 135 -8.07 18.59 35.63
CA LEU A 135 -8.17 20.01 35.96
C LEU A 135 -8.81 20.80 34.83
N ALA A 136 -8.49 20.48 33.58
CA ALA A 136 -9.11 21.18 32.45
C ALA A 136 -10.62 20.95 32.43
N PHE A 137 -11.05 19.70 32.67
CA PHE A 137 -12.48 19.43 32.73
C PHE A 137 -13.13 20.15 33.91
N ILE A 138 -12.41 20.31 35.01
CA ILE A 138 -12.95 21.03 36.16
C ILE A 138 -13.15 22.50 35.83
N ILE A 139 -12.14 23.14 35.23
CA ILE A 139 -12.23 24.56 34.95
C ILE A 139 -13.13 24.87 33.76
N LYS A 140 -13.22 23.95 32.80
CA LYS A 140 -14.06 24.08 31.61
C LYS A 140 -13.71 25.32 30.79
N PRO A 141 -12.53 25.37 30.16
CA PRO A 141 -12.19 26.53 29.32
C PRO A 141 -12.82 26.42 27.94
N GLY A 142 -13.36 27.53 27.43
CA GLY A 142 -13.92 27.59 26.10
C GLY A 142 -15.38 27.20 26.02
N SER A 143 -15.97 26.79 27.14
CA SER A 143 -17.36 26.38 27.18
C SER A 143 -18.31 27.52 27.50
N GLY A 144 -17.80 28.75 27.62
CA GLY A 144 -18.63 29.89 27.94
C GLY A 144 -19.68 30.19 26.89
N ALA A 145 -19.30 30.15 25.62
CA ALA A 145 -20.22 30.41 24.53
C ALA A 145 -20.34 29.20 23.60
N PRO A 164 -29.23 7.30 19.21
CA PRO A 164 -27.90 7.79 18.80
C PRO A 164 -26.86 7.73 19.91
N LYS A 165 -27.32 7.68 21.15
CA LYS A 165 -26.42 7.60 22.29
C LYS A 165 -25.79 6.22 22.38
N GLU A 166 -24.63 6.16 23.04
CA GLU A 166 -23.88 4.92 23.18
C GLU A 166 -23.82 4.50 24.64
N THR A 167 -23.96 3.20 24.89
CA THR A 167 -23.88 2.66 26.23
C THR A 167 -22.42 2.58 26.68
N VAL A 168 -22.23 2.33 27.99
CA VAL A 168 -20.89 2.27 28.56
C VAL A 168 -20.12 1.03 28.15
N ASP A 169 -20.73 0.13 27.39
CA ASP A 169 -20.08 -1.10 26.96
C ASP A 169 -19.30 -0.94 25.67
N SER A 170 -18.98 0.29 25.28
CA SER A 170 -18.26 0.53 24.03
C SER A 170 -16.77 0.30 24.15
N PHE A 171 -16.25 0.03 25.35
CA PHE A 171 -14.81 -0.13 25.53
C PHE A 171 -14.27 -1.25 24.66
N LEU A 172 -15.00 -2.36 24.57
CA LEU A 172 -14.54 -3.47 23.73
C LEU A 172 -14.35 -3.03 22.29
N ASP A 173 -15.14 -2.08 21.82
CA ASP A 173 -14.95 -1.57 20.46
C ASP A 173 -13.54 -1.02 20.29
N LEU A 174 -13.06 -0.27 21.27
CA LEU A 174 -11.67 0.18 21.26
C LEU A 174 -10.73 -1.01 21.11
N ALA A 175 -10.95 -2.05 21.92
CA ALA A 175 -10.13 -3.25 21.81
C ALA A 175 -10.25 -3.87 20.42
N ARG A 176 -11.43 -3.79 19.81
CA ARG A 176 -11.57 -4.29 18.45
C ARG A 176 -10.82 -3.42 17.47
N ASN A 177 -10.81 -2.10 17.71
CA ASN A 177 -10.03 -1.21 16.86
C ASN A 177 -8.55 -1.28 17.20
N LEU A 178 -8.20 -1.87 18.34
CA LEU A 178 -6.80 -2.09 18.67
C LEU A 178 -6.12 -3.01 17.67
N PHE A 179 -6.88 -3.90 17.04
CA PHE A 179 -6.33 -4.87 16.10
C PHE A 179 -7.14 -4.87 14.81
N PRO A 180 -6.67 -4.21 13.75
CA PRO A 180 -7.41 -4.20 12.49
C PRO A 180 -7.39 -5.56 11.80
N SER A 181 -8.38 -5.78 10.94
CA SER A 181 -8.44 -7.02 10.18
C SER A 181 -7.25 -7.13 9.23
N ASN A 182 -6.97 -6.07 8.48
CA ASN A 182 -5.81 -6.02 7.61
C ASN A 182 -5.31 -4.58 7.55
N LEU A 183 -4.03 -4.43 7.20
CA LEU A 183 -3.40 -3.12 7.25
C LEU A 183 -4.03 -2.14 6.27
N VAL A 184 -4.35 -2.61 5.07
CA VAL A 184 -4.85 -1.72 4.03
C VAL A 184 -6.19 -1.09 4.43
N VAL A 185 -7.10 -1.88 5.00
CA VAL A 185 -8.39 -1.34 5.42
C VAL A 185 -8.20 -0.30 6.53
N ALA A 186 -7.24 -0.50 7.42
CA ALA A 186 -7.02 0.38 8.56
C ALA A 186 -6.46 1.74 8.16
N ALA A 187 -6.35 2.06 6.87
CA ALA A 187 -5.79 3.34 6.44
C ALA A 187 -6.84 4.43 6.29
N PHE A 188 -8.11 4.08 6.09
CA PHE A 188 -9.14 5.10 5.88
C PHE A 188 -10.42 4.88 6.65
N ARG A 189 -10.76 3.67 7.08
CA ARG A 189 -12.01 3.44 7.80
C ARG A 189 -11.81 2.34 8.82
N THR A 190 -12.65 2.36 9.87
CA THR A 190 -12.51 1.47 11.00
C THR A 190 -13.89 0.93 11.39
N TYR A 191 -13.91 0.26 12.53
CA TYR A 191 -15.06 -0.48 13.04
C TYR A 191 -15.75 0.30 14.15
N ALA A 192 -17.08 0.24 14.16
CA ALA A 192 -17.84 0.82 15.27
C ALA A 192 -19.21 0.19 15.38
N THR A 193 -19.63 -0.16 16.59
CA THR A 193 -20.90 -0.84 16.79
C THR A 193 -22.05 0.16 16.86
N ASP A 194 -23.25 -0.34 16.59
CA ASP A 194 -24.48 0.45 16.68
C ASP A 194 -25.59 -0.48 17.13
N TYR A 195 -26.54 0.07 17.88
CA TYR A 195 -27.66 -0.70 18.41
C TYR A 195 -28.86 -0.54 17.50
N LYS A 196 -29.46 -1.68 17.12
CA LYS A 196 -30.71 -1.66 16.38
C LYS A 196 -31.65 -2.70 16.97
N VAL A 197 -32.94 -2.51 16.70
CA VAL A 197 -33.98 -3.39 17.20
C VAL A 197 -34.36 -4.38 16.11
N VAL A 198 -34.47 -5.66 16.49
CA VAL A 198 -34.84 -6.71 15.56
C VAL A 198 -36.25 -7.23 15.82
N THR A 199 -36.78 -7.02 17.03
CA THR A 199 -38.09 -7.56 17.44
C THR A 199 -38.13 -9.07 17.28
N GLN A 200 -37.01 -9.72 17.61
CA GLN A 200 -36.93 -11.18 17.61
C GLN A 200 -37.37 -11.79 18.92
N ASN A 201 -36.97 -11.22 20.05
CA ASN A 201 -37.48 -11.59 21.36
C ASN A 201 -38.67 -10.74 21.78
N SER A 202 -39.03 -9.72 20.99
CA SER A 202 -40.19 -8.91 21.30
C SER A 202 -41.48 -9.69 21.14
N SER A 203 -41.44 -10.82 20.42
CA SER A 203 -42.64 -11.62 20.23
C SER A 203 -43.13 -12.22 21.54
N SER A 204 -42.22 -12.43 22.50
CA SER A 204 -42.56 -13.09 23.75
C SER A 204 -42.47 -12.18 24.95
N GLY A 205 -41.31 -11.58 25.22
CA GLY A 205 -41.15 -10.81 26.44
C GLY A 205 -40.28 -9.57 26.34
N ASN A 206 -39.77 -9.27 25.15
CA ASN A 206 -38.85 -8.15 24.96
C ASN A 206 -39.44 -7.09 24.04
N VAL A 207 -40.70 -6.73 24.26
CA VAL A 207 -41.42 -5.86 23.34
C VAL A 207 -40.74 -4.50 23.24
N THR A 208 -40.78 -3.92 22.04
CA THR A 208 -40.38 -2.55 21.72
C THR A 208 -38.91 -2.26 21.95
N HIS A 209 -38.09 -3.26 22.32
CA HIS A 209 -36.69 -2.98 22.60
C HIS A 209 -35.83 -4.24 22.49
N GLU A 210 -34.84 -4.21 21.59
CA GLU A 210 -33.89 -5.31 21.51
C GLU A 210 -32.47 -4.86 21.87
N LYS A 211 -32.07 -3.66 21.45
CA LYS A 211 -30.71 -3.15 21.64
C LYS A 211 -29.67 -4.14 21.14
N ILE A 212 -29.91 -4.72 19.96
CA ILE A 212 -28.96 -5.68 19.39
C ILE A 212 -27.78 -4.89 18.82
N PRO A 213 -26.56 -5.16 19.29
CA PRO A 213 -25.40 -4.43 18.76
C PRO A 213 -24.77 -5.13 17.57
N ILE A 214 -24.58 -4.39 16.47
CA ILE A 214 -23.89 -4.88 15.29
C ILE A 214 -22.93 -3.80 14.81
N GLY A 215 -21.74 -4.22 14.41
CA GLY A 215 -20.70 -3.28 14.03
C GLY A 215 -20.68 -3.02 12.54
N THR A 216 -20.47 -1.76 12.18
CA THR A 216 -20.35 -1.32 10.79
C THR A 216 -19.04 -0.59 10.58
N GLU A 217 -18.77 -0.26 9.33
CA GLU A 217 -17.55 0.45 8.97
C GLU A 217 -17.82 1.93 8.79
N ILE A 218 -16.97 2.74 9.43
CA ILE A 218 -17.09 4.20 9.40
C ILE A 218 -15.74 4.79 9.06
N GLU A 219 -15.76 5.80 8.18
CA GLU A 219 -14.54 6.40 7.67
C GLU A 219 -13.71 7.01 8.80
N GLY A 220 -12.44 7.28 8.48
CA GLY A 220 -11.49 7.74 9.46
C GLY A 220 -10.56 6.63 9.89
N MET A 221 -9.26 6.86 9.80
CA MET A 221 -8.27 5.83 10.12
C MET A 221 -8.15 5.65 11.63
N ASN A 222 -7.35 4.68 12.03
CA ASN A 222 -7.08 4.39 13.44
C ASN A 222 -5.58 4.42 13.67
N ILE A 223 -5.06 5.59 14.06
CA ILE A 223 -3.67 5.68 14.47
C ILE A 223 -3.41 4.78 15.67
N LEU A 224 -4.38 4.68 16.57
CA LEU A 224 -4.30 3.72 17.67
C LEU A 224 -4.16 2.29 17.14
N GLY A 225 -4.86 2.00 16.05
CA GLY A 225 -4.83 0.65 15.51
C GLY A 225 -3.57 0.34 14.72
N LEU A 226 -2.64 1.29 14.69
CA LEU A 226 -1.41 1.15 13.92
C LEU A 226 -0.15 1.24 14.76
N VAL A 227 -0.18 2.00 15.86
CA VAL A 227 1.03 2.25 16.63
C VAL A 227 1.53 0.97 17.30
N LEU A 228 0.60 0.16 17.81
CA LEU A 228 1.02 -1.09 18.45
C LEU A 228 1.64 -2.04 17.45
N PHE A 229 1.07 -2.14 16.25
CA PHE A 229 1.66 -2.97 15.21
C PHE A 229 3.03 -2.46 14.82
N ALA A 230 3.18 -1.14 14.72
CA ALA A 230 4.48 -0.56 14.40
C ALA A 230 5.51 -0.90 15.47
N LEU A 231 5.13 -0.81 16.75
CA LEU A 231 6.05 -1.14 17.83
C LEU A 231 6.43 -2.61 17.81
N VAL A 232 5.46 -3.48 17.55
CA VAL A 232 5.74 -4.92 17.49
C VAL A 232 6.72 -5.21 16.36
N LEU A 233 6.48 -4.63 15.19
CA LEU A 233 7.40 -4.82 14.08
C LEU A 233 8.78 -4.24 14.41
N GLY A 234 8.82 -3.12 15.13
CA GLY A 234 10.08 -2.51 15.47
C GLY A 234 10.93 -3.38 16.39
N VAL A 235 10.31 -3.98 17.41
CA VAL A 235 11.06 -4.90 18.25
C VAL A 235 11.39 -6.17 17.49
N ALA A 236 10.55 -6.55 16.53
CA ALA A 236 10.76 -7.78 15.80
C ALA A 236 11.98 -7.71 14.90
N LEU A 237 12.12 -6.63 14.12
CA LEU A 237 13.23 -6.66 13.18
C LEU A 237 14.57 -6.40 13.86
N LYS A 238 14.57 -6.10 15.15
CA LYS A 238 15.78 -5.95 15.94
C LYS A 238 16.11 -7.19 16.75
N LYS A 239 15.09 -7.94 17.19
CA LYS A 239 15.35 -9.07 18.07
C LYS A 239 16.07 -10.22 17.34
N LEU A 240 15.77 -10.43 16.06
CA LEU A 240 16.29 -11.62 15.39
C LEU A 240 17.79 -11.54 15.15
N GLY A 241 18.37 -10.35 15.16
CA GLY A 241 19.81 -10.20 15.01
C GLY A 241 20.16 -9.23 13.89
N SER A 242 21.47 -9.15 13.63
CA SER A 242 22.00 -8.20 12.66
C SER A 242 21.65 -8.58 11.22
N GLU A 243 21.17 -9.81 10.99
CA GLU A 243 20.82 -10.23 9.65
C GLU A 243 19.68 -9.43 9.06
N GLY A 244 18.78 -8.89 9.88
CA GLY A 244 17.75 -8.00 9.41
C GLY A 244 18.09 -6.56 9.70
N GLU A 245 19.37 -6.31 9.97
CA GLU A 245 19.82 -4.98 10.36
C GLU A 245 19.61 -3.98 9.23
N ASP A 246 19.81 -4.42 7.98
CA ASP A 246 19.72 -3.52 6.84
C ASP A 246 18.36 -2.82 6.79
N LEU A 247 17.30 -3.53 7.15
CA LEU A 247 15.97 -2.92 7.15
C LEU A 247 15.92 -1.69 8.04
N ILE A 248 16.57 -1.76 9.21
CA ILE A 248 16.66 -0.59 10.08
C ILE A 248 17.35 0.55 9.33
N ARG A 249 18.48 0.25 8.70
CA ARG A 249 19.20 1.26 7.94
C ARG A 249 18.33 1.82 6.81
N PHE A 250 17.32 1.06 6.40
CA PHE A 250 16.31 1.58 5.50
C PHE A 250 15.42 2.60 6.22
N PHE A 251 14.74 2.17 7.27
CA PHE A 251 13.72 3.00 7.90
C PHE A 251 14.31 4.28 8.47
N ASN A 252 15.44 4.16 9.18
CA ASN A 252 16.05 5.32 9.82
C ASN A 252 16.55 6.33 8.79
N SER A 253 16.43 5.99 7.50
CA SER A 253 16.71 6.95 6.44
C SER A 253 15.46 7.72 6.05
N LEU A 254 14.34 7.01 5.89
CA LEU A 254 13.14 7.62 5.33
C LEU A 254 12.66 8.80 6.16
N ASN A 255 12.71 8.67 7.49
CA ASN A 255 12.34 9.79 8.35
C ASN A 255 13.18 11.02 8.02
N GLU A 256 14.50 10.85 7.94
CA GLU A 256 15.36 11.97 7.55
C GLU A 256 15.03 12.45 6.15
N ALA A 257 14.54 11.56 5.30
CA ALA A 257 14.09 11.95 3.97
C ALA A 257 12.73 12.64 3.99
N THR A 258 11.88 12.34 4.97
CA THR A 258 10.54 12.88 4.95
C THR A 258 10.36 14.07 5.89
N MET A 259 11.29 14.26 6.84
CA MET A 259 11.16 15.40 7.74
C MET A 259 11.56 16.69 7.04
N VAL A 260 12.60 16.64 6.19
CA VAL A 260 13.14 17.86 5.60
C VAL A 260 12.05 18.63 4.85
N LEU A 261 11.19 17.93 4.14
CA LEU A 261 10.19 18.61 3.32
C LEU A 261 9.25 19.46 4.16
N VAL A 262 8.95 19.05 5.39
CA VAL A 262 7.97 19.83 6.14
C VAL A 262 8.55 21.20 6.47
N SER A 263 9.89 21.30 6.50
CA SER A 263 10.51 22.61 6.69
C SER A 263 10.10 23.55 5.57
N TRP A 264 10.09 23.04 4.33
CA TRP A 264 9.58 23.83 3.21
C TRP A 264 8.13 24.24 3.45
N ILE A 265 7.33 23.36 4.04
CA ILE A 265 5.95 23.69 4.37
C ILE A 265 5.92 24.91 5.30
N MET A 266 6.89 24.97 6.22
CA MET A 266 6.99 26.12 7.10
C MET A 266 7.08 27.42 6.30
N TRP A 267 7.82 27.39 5.19
CA TRP A 267 7.99 28.59 4.37
C TRP A 267 6.67 29.11 3.82
N TYR A 268 5.63 28.28 3.78
CA TYR A 268 4.31 28.70 3.34
C TYR A 268 3.39 29.10 4.46
N VAL A 269 3.71 28.74 5.71
CA VAL A 269 2.81 28.96 6.84
C VAL A 269 2.44 30.43 7.02
N PRO A 270 3.38 31.37 7.01
CA PRO A 270 2.98 32.78 7.21
C PRO A 270 2.01 33.29 6.16
N VAL A 271 2.08 32.79 4.92
CA VAL A 271 1.18 33.26 3.88
C VAL A 271 -0.25 32.80 4.17
N GLY A 272 -0.42 31.53 4.49
CA GLY A 272 -1.75 30.96 4.67
C GLY A 272 -2.52 31.48 5.87
N ILE A 273 -1.82 31.65 7.00
CA ILE A 273 -2.51 31.94 8.26
C ILE A 273 -3.34 33.22 8.15
N MET A 274 -2.77 34.28 7.60
CA MET A 274 -3.48 35.55 7.53
C MET A 274 -4.78 35.43 6.75
N PHE A 275 -4.90 34.41 5.90
CA PHE A 275 -6.14 34.22 5.18
C PHE A 275 -7.26 33.72 6.07
N LEU A 276 -7.00 32.76 6.95
CA LEU A 276 -8.11 32.14 7.66
C LEU A 276 -8.34 32.72 9.05
N VAL A 277 -7.36 33.43 9.61
CA VAL A 277 -7.61 34.10 10.89
C VAL A 277 -8.66 35.20 10.72
N GLY A 278 -8.47 36.07 9.72
CA GLY A 278 -9.49 37.07 9.44
C GLY A 278 -10.79 36.43 9.00
N SER A 279 -10.69 35.38 8.18
CA SER A 279 -11.88 34.65 7.75
C SER A 279 -12.62 34.05 8.94
N LYS A 280 -11.96 33.93 10.09
CA LYS A 280 -12.66 33.43 11.27
C LYS A 280 -13.31 34.56 12.06
N ILE A 281 -12.74 35.77 12.00
CA ILE A 281 -13.21 36.85 12.87
C ILE A 281 -14.24 37.76 12.20
N VAL A 282 -14.38 37.70 10.89
CA VAL A 282 -15.32 38.60 10.20
C VAL A 282 -16.75 38.26 10.60
N GLU A 283 -17.09 36.98 10.64
CA GLU A 283 -18.47 36.55 10.84
C GLU A 283 -18.86 36.41 12.31
N MET A 284 -17.89 36.28 13.21
CA MET A 284 -18.18 36.20 14.65
C MET A 284 -18.64 37.52 15.24
N LYS A 285 -18.01 38.63 14.87
CA LYS A 285 -18.31 39.98 15.34
C LYS A 285 -18.10 40.16 16.84
N ASP A 286 -17.59 39.14 17.54
CA ASP A 286 -17.35 39.20 18.98
C ASP A 286 -15.88 38.98 19.25
N ILE A 287 -15.31 39.81 20.11
CA ILE A 287 -13.89 39.75 20.44
C ILE A 287 -13.65 39.38 21.90
N ILE A 288 -14.60 39.71 22.77
CA ILE A 288 -14.43 39.44 24.20
C ILE A 288 -14.40 37.94 24.47
N VAL A 289 -15.26 37.18 23.82
CA VAL A 289 -15.37 35.74 24.09
C VAL A 289 -14.05 35.05 23.79
N LEU A 290 -13.46 35.35 22.63
CA LEU A 290 -12.24 34.67 22.21
C LEU A 290 -11.09 34.97 23.17
N VAL A 291 -10.91 36.24 23.51
CA VAL A 291 -9.78 36.61 24.36
C VAL A 291 -9.98 36.06 25.78
N THR A 292 -11.21 36.09 26.28
CA THR A 292 -11.47 35.54 27.61
C THR A 292 -11.20 34.04 27.64
N SER A 293 -11.65 33.32 26.61
CA SER A 293 -11.42 31.89 26.54
C SER A 293 -9.93 31.58 26.46
N LEU A 294 -9.20 32.34 25.64
CA LEU A 294 -7.76 32.11 25.51
C LEU A 294 -7.05 32.39 26.82
N GLY A 295 -7.41 33.47 27.51
CA GLY A 295 -6.79 33.77 28.78
C GLY A 295 -7.07 32.70 29.83
N LYS A 296 -8.31 32.21 29.86
CA LYS A 296 -8.66 31.14 30.79
C LYS A 296 -7.85 29.88 30.48
N TYR A 297 -7.71 29.58 29.18
CA TYR A 297 -6.94 28.41 28.78
C TYR A 297 -5.48 28.52 29.22
N ILE A 298 -4.87 29.69 28.98
CA ILE A 298 -3.48 29.89 29.37
C ILE A 298 -3.32 29.80 30.88
N PHE A 299 -4.23 30.42 31.62
CA PHE A 299 -4.15 30.38 33.08
C PHE A 299 -4.27 28.94 33.59
N ALA A 300 -5.21 28.18 33.03
CA ALA A 300 -5.36 26.79 33.43
C ALA A 300 -4.11 25.98 33.13
N SER A 301 -3.54 26.18 31.94
CA SER A 301 -2.35 25.42 31.57
C SER A 301 -1.18 25.72 32.48
N ILE A 302 -0.95 27.02 32.77
CA ILE A 302 0.19 27.38 33.60
C ILE A 302 -0.03 26.90 35.03
N LEU A 303 -1.27 26.99 35.52
CA LEU A 303 -1.56 26.49 36.86
C LEU A 303 -1.31 24.99 36.95
N GLY A 304 -1.73 24.24 35.92
CA GLY A 304 -1.47 22.81 35.92
C GLY A 304 0.01 22.49 35.89
N HIS A 305 0.76 23.21 35.06
CA HIS A 305 2.21 22.99 35.01
C HIS A 305 2.86 23.25 36.36
N VAL A 306 2.50 24.36 37.00
CA VAL A 306 3.10 24.70 38.29
C VAL A 306 2.71 23.67 39.34
N ILE A 307 1.44 23.27 39.36
CA ILE A 307 0.96 22.32 40.36
C ILE A 307 1.67 20.99 40.21
N HIS A 308 1.82 20.52 38.96
CA HIS A 308 2.56 19.28 38.73
C HIS A 308 4.00 19.42 39.21
N GLY A 309 4.69 20.45 38.72
CA GLY A 309 6.13 20.54 38.97
C GLY A 309 6.47 20.71 40.44
N GLY A 310 5.70 21.53 41.15
CA GLY A 310 6.01 21.77 42.54
C GLY A 310 5.51 20.73 43.51
N ILE A 311 4.76 19.73 43.06
CA ILE A 311 4.12 18.81 43.98
C ILE A 311 4.44 17.34 43.67
N VAL A 312 4.17 16.90 42.43
CA VAL A 312 4.01 15.46 42.21
C VAL A 312 5.31 14.71 42.45
N LEU A 313 6.41 15.19 41.88
CA LEU A 313 7.70 14.50 42.00
C LEU A 313 8.43 14.78 43.32
N PRO A 314 8.33 15.98 43.94
CA PRO A 314 9.00 16.16 45.24
C PRO A 314 8.55 15.16 46.30
N LEU A 315 7.29 14.77 46.32
CA LEU A 315 6.84 13.77 47.29
C LEU A 315 7.53 12.44 47.07
N ILE A 316 7.64 12.01 45.81
CA ILE A 316 8.33 10.76 45.51
C ILE A 316 9.80 10.85 45.90
N TYR A 317 10.42 12.02 45.66
CA TYR A 317 11.81 12.23 46.05
C TYR A 317 11.97 12.11 47.57
N PHE A 318 11.06 12.73 48.32
CA PHE A 318 11.14 12.69 49.78
C PHE A 318 10.86 11.28 50.31
N VAL A 319 10.08 10.49 49.57
CA VAL A 319 9.76 9.14 50.03
C VAL A 319 11.03 8.31 50.18
N PHE A 320 11.93 8.38 49.20
CA PHE A 320 13.13 7.55 49.21
C PHE A 320 14.39 8.31 49.62
N THR A 321 14.32 9.62 49.77
CA THR A 321 15.51 10.39 50.12
C THR A 321 15.65 10.55 51.62
N ARG A 322 14.53 10.72 52.33
CA ARG A 322 14.52 10.90 53.79
C ARG A 322 15.35 12.11 54.19
N LYS A 323 15.32 13.16 53.38
CA LYS A 323 16.09 14.37 53.64
C LYS A 323 15.28 15.57 53.19
N ASN A 324 15.92 16.74 53.17
CA ASN A 324 15.24 17.99 52.86
C ASN A 324 15.34 18.28 51.37
N PRO A 325 14.22 18.31 50.64
CA PRO A 325 14.28 18.76 49.23
C PRO A 325 14.61 20.23 49.09
N PHE A 326 14.42 21.03 50.14
CA PHE A 326 14.77 22.44 50.07
C PHE A 326 16.26 22.64 49.86
N ARG A 327 17.08 21.83 50.54
CA ARG A 327 18.53 21.91 50.36
C ARG A 327 18.97 21.57 48.95
N PHE A 328 18.13 20.88 48.18
CA PHE A 328 18.52 20.41 46.86
C PHE A 328 18.66 21.57 45.87
N LEU A 329 17.66 22.45 45.81
CA LEU A 329 17.59 23.45 44.76
C LEU A 329 18.18 24.80 45.15
N LEU A 330 18.73 24.95 46.36
CA LEU A 330 19.28 26.24 46.77
C LEU A 330 20.53 26.60 45.97
N GLY A 331 21.34 25.63 45.59
CA GLY A 331 22.52 25.91 44.80
C GLY A 331 22.24 25.88 43.32
N LEU A 332 21.01 25.55 42.95
CA LEU A 332 20.60 25.43 41.56
C LEU A 332 19.77 26.61 41.07
N LEU A 333 19.71 27.71 41.82
CA LEU A 333 18.82 28.81 41.47
C LEU A 333 19.20 29.45 40.13
N ALA A 334 20.49 29.56 39.85
CA ALA A 334 20.93 30.23 38.63
C ALA A 334 20.76 29.34 37.40
N PRO A 335 21.09 28.03 37.46
CA PRO A 335 20.78 27.16 36.31
C PRO A 335 19.30 27.12 35.99
N PHE A 336 18.44 27.14 37.02
CA PHE A 336 17.01 27.18 36.76
C PHE A 336 16.61 28.47 36.06
N ALA A 337 17.18 29.60 36.50
CA ALA A 337 16.86 30.88 35.87
C ALA A 337 17.32 30.91 34.42
N THR A 338 18.52 30.40 34.14
CA THR A 338 19.01 30.42 32.76
C THR A 338 18.25 29.42 31.89
N ALA A 339 17.75 28.33 32.47
CA ALA A 339 16.88 27.43 31.71
C ALA A 339 15.54 28.08 31.40
N PHE A 340 15.01 28.85 32.35
CA PHE A 340 13.79 29.60 32.10
C PHE A 340 13.98 30.64 31.01
N ALA A 341 15.12 31.33 31.03
CA ALA A 341 15.38 32.39 30.06
C ALA A 341 15.73 31.87 28.67
N THR A 342 16.39 30.71 28.60
CA THR A 342 16.90 30.24 27.30
C THR A 342 15.78 29.71 26.40
N CYS A 343 14.64 29.35 26.98
CA CYS A 343 13.50 28.79 26.25
C CYS A 343 13.83 27.48 25.54
N SER A 344 14.97 26.86 25.86
CA SER A 344 15.37 25.62 25.22
C SER A 344 16.25 24.85 26.20
N SER A 345 15.66 23.85 26.86
CA SER A 345 16.38 23.09 27.88
C SER A 345 17.57 22.33 27.31
N SER A 346 17.54 22.01 26.02
CA SER A 346 18.67 21.29 25.42
C SER A 346 19.94 22.12 25.44
N ALA A 347 19.82 23.43 25.21
CA ALA A 347 21.00 24.30 25.22
C ALA A 347 21.66 24.35 26.60
N THR A 348 20.85 24.43 27.65
CA THR A 348 21.35 24.52 29.01
C THR A 348 21.61 23.16 29.66
N LEU A 349 21.80 22.11 28.85
CA LEU A 349 22.09 20.79 29.39
C LEU A 349 23.34 20.73 30.25
N PRO A 350 24.50 21.27 29.84
CA PRO A 350 25.69 21.16 30.70
C PRO A 350 25.53 21.87 32.03
N SER A 351 24.64 22.84 32.14
CA SER A 351 24.51 23.60 33.38
C SER A 351 24.03 22.71 34.53
N MET A 352 23.10 21.80 34.24
CA MET A 352 22.57 20.91 35.27
C MET A 352 23.69 20.10 35.91
N MET A 353 24.48 19.43 35.07
CA MET A 353 25.57 18.61 35.59
C MET A 353 26.65 19.48 36.24
N LYS A 354 26.96 20.63 35.64
CA LYS A 354 27.97 21.51 36.21
C LYS A 354 27.62 21.94 37.62
N CYS A 355 26.33 22.16 37.90
CA CYS A 355 25.98 22.59 39.25
C CYS A 355 25.84 21.40 40.20
N ILE A 356 25.13 20.35 39.77
CA ILE A 356 24.83 19.25 40.68
C ILE A 356 26.04 18.36 40.90
N GLU A 357 27.12 18.55 40.15
CA GLU A 357 28.32 17.74 40.38
C GLU A 357 28.93 18.03 41.74
N GLU A 358 28.83 19.27 42.21
CA GLU A 358 29.36 19.63 43.52
C GLU A 358 28.29 20.06 44.50
N ASN A 359 27.16 20.63 44.03
CA ASN A 359 26.12 21.06 44.94
C ASN A 359 25.43 19.87 45.60
N ASN A 360 25.22 18.80 44.85
CA ASN A 360 24.53 17.61 45.34
C ASN A 360 25.46 16.41 45.29
N GLY A 361 25.24 15.48 46.22
CA GLY A 361 26.03 14.26 46.29
C GLY A 361 25.62 13.25 45.23
N VAL A 362 25.94 13.55 43.97
CA VAL A 362 25.55 12.71 42.86
C VAL A 362 26.75 11.86 42.45
N ASP A 363 26.48 10.81 41.68
CA ASP A 363 27.52 9.96 41.15
C ASP A 363 28.12 10.57 39.89
N LYS A 364 29.21 9.96 39.43
CA LYS A 364 29.91 10.47 38.24
C LYS A 364 29.45 9.77 36.97
N ARG A 365 29.20 8.46 37.04
CA ARG A 365 28.79 7.72 35.85
C ARG A 365 27.41 8.17 35.37
N ILE A 366 26.41 8.06 36.26
CA ILE A 366 25.03 8.33 35.88
C ILE A 366 24.86 9.80 35.48
N SER A 367 25.67 10.69 36.04
CA SER A 367 25.56 12.11 35.73
C SER A 367 25.80 12.40 34.26
N ARG A 368 26.59 11.56 33.56
CA ARG A 368 26.88 11.75 32.15
C ARG A 368 26.53 10.52 31.32
N PHE A 369 25.63 9.67 31.80
CA PHE A 369 25.31 8.43 31.11
C PHE A 369 23.88 8.36 30.61
N ILE A 370 22.90 8.62 31.47
CA ILE A 370 21.50 8.52 31.10
C ILE A 370 20.85 9.87 30.85
N LEU A 371 21.40 10.95 31.38
CA LEU A 371 20.79 12.26 31.19
C LEU A 371 20.68 12.69 29.73
N PRO A 372 21.70 12.54 28.88
CA PRO A 372 21.51 12.90 27.46
C PRO A 372 20.39 12.11 26.79
N ILE A 373 20.23 10.83 27.15
CA ILE A 373 19.17 10.01 26.58
C ILE A 373 17.80 10.45 27.09
N GLY A 374 17.69 10.73 28.39
CA GLY A 374 16.42 11.12 28.98
C GLY A 374 15.98 12.53 28.67
N ALA A 375 16.89 13.38 28.18
CA ALA A 375 16.53 14.74 27.84
C ALA A 375 15.78 14.83 26.53
N THR A 376 15.74 13.75 25.75
CA THR A 376 15.06 13.74 24.47
C THR A 376 13.76 12.94 24.47
N VAL A 377 13.68 11.86 25.24
CA VAL A 377 12.52 10.99 25.26
C VAL A 377 11.50 11.45 26.29
N ASN A 378 11.96 11.88 27.45
CA ASN A 378 11.07 12.27 28.55
C ASN A 378 10.68 13.73 28.37
N MET A 379 9.44 13.96 27.92
CA MET A 379 8.86 15.30 27.87
C MET A 379 7.69 15.34 28.86
N ASP A 380 7.66 16.36 29.70
CA ASP A 380 6.67 16.46 30.78
C ASP A 380 5.62 17.52 30.54
N GLY A 381 6.02 18.79 30.43
CA GLY A 381 5.04 19.85 30.20
C GLY A 381 4.40 19.76 28.83
N ALA A 382 5.11 19.15 27.88
CA ALA A 382 4.58 18.98 26.54
C ALA A 382 3.26 18.21 26.54
N ALA A 383 3.22 17.08 27.25
CA ALA A 383 2.00 16.28 27.32
C ALA A 383 0.87 17.08 27.93
N ILE A 384 1.17 17.87 28.96
CA ILE A 384 0.17 18.80 29.50
C ILE A 384 -0.34 19.71 28.41
N PHE A 385 0.56 20.21 27.57
CA PHE A 385 0.18 21.12 26.50
C PHE A 385 -0.79 20.47 25.52
N GLN A 386 -0.45 19.26 25.04
CA GLN A 386 -1.36 18.61 24.09
C GLN A 386 -2.70 18.29 24.76
N CYS A 387 -2.67 17.85 26.01
CA CYS A 387 -3.91 17.49 26.68
C CYS A 387 -4.83 18.71 26.82
N VAL A 388 -4.29 19.83 27.32
CA VAL A 388 -5.10 21.01 27.51
C VAL A 388 -5.54 21.61 26.19
N ALA A 389 -4.77 21.42 25.12
CA ALA A 389 -5.21 21.90 23.81
C ALA A 389 -6.34 21.04 23.28
N ALA A 390 -6.19 19.72 23.37
CA ALA A 390 -7.21 18.81 22.83
C ALA A 390 -8.53 19.02 23.54
N VAL A 391 -8.51 19.10 24.88
CA VAL A 391 -9.75 19.35 25.60
C VAL A 391 -10.29 20.74 25.27
N PHE A 392 -9.41 21.69 24.96
CA PHE A 392 -9.87 23.04 24.66
C PHE A 392 -10.67 23.07 23.36
N ILE A 393 -10.13 22.51 22.29
CA ILE A 393 -10.91 22.41 21.05
C ILE A 393 -12.14 21.54 21.24
N ALA A 394 -12.04 20.49 22.07
CA ALA A 394 -13.22 19.67 22.35
C ALA A 394 -14.34 20.50 22.97
N GLN A 395 -13.99 21.38 23.91
CA GLN A 395 -14.99 22.25 24.54
C GLN A 395 -15.49 23.33 23.60
N LEU A 396 -14.64 23.84 22.70
CA LEU A 396 -15.12 24.79 21.69
C LEU A 396 -16.13 24.14 20.75
N ASN A 397 -15.89 22.89 20.34
CA ASN A 397 -16.76 22.23 19.38
C ASN A 397 -17.96 21.54 20.02
N ASN A 398 -17.98 21.42 21.35
CA ASN A 398 -19.12 20.82 22.06
C ASN A 398 -19.45 19.42 21.52
N VAL A 399 -18.43 18.58 21.41
CA VAL A 399 -18.61 17.29 20.76
C VAL A 399 -19.24 16.29 21.72
N GLU A 400 -18.51 15.93 22.78
CA GLU A 400 -18.95 14.88 23.70
C GLU A 400 -17.90 14.74 24.80
N LEU A 401 -18.30 14.06 25.88
CA LEU A 401 -17.32 13.63 26.87
C LEU A 401 -16.69 12.30 26.46
N ASN A 402 -17.50 11.24 26.39
CA ASN A 402 -17.09 9.95 25.84
C ASN A 402 -15.80 9.45 26.48
N ALA A 403 -15.91 9.08 27.77
CA ALA A 403 -14.77 8.58 28.52
C ALA A 403 -13.95 7.56 27.74
N GLY A 404 -14.59 6.78 26.87
CA GLY A 404 -13.85 5.92 25.98
C GLY A 404 -12.87 6.68 25.12
N GLN A 405 -13.28 7.85 24.61
CA GLN A 405 -12.34 8.70 23.89
C GLN A 405 -11.36 9.38 24.84
N ILE A 406 -11.74 9.56 26.11
CA ILE A 406 -10.79 10.11 27.08
C ILE A 406 -9.62 9.16 27.25
N PHE A 407 -9.87 7.85 27.25
CA PHE A 407 -8.77 6.90 27.33
C PHE A 407 -7.89 6.95 26.09
N THR A 408 -8.50 7.03 24.91
CA THR A 408 -7.69 6.97 23.68
C THR A 408 -6.86 8.23 23.50
N ILE A 409 -7.42 9.40 23.82
CA ILE A 409 -6.63 10.62 23.70
C ILE A 409 -5.47 10.59 24.68
N LEU A 410 -5.72 10.10 25.90
CA LEU A 410 -4.67 10.01 26.90
C LEU A 410 -3.56 9.07 26.47
N VAL A 411 -3.93 7.89 25.95
CA VAL A 411 -2.91 6.92 25.57
C VAL A 411 -2.12 7.40 24.36
N THR A 412 -2.78 8.07 23.41
CA THR A 412 -2.07 8.63 22.26
C THR A 412 -1.10 9.72 22.72
N ALA A 413 -1.54 10.57 23.65
CA ALA A 413 -0.66 11.61 24.16
C ALA A 413 0.55 11.01 24.86
N THR A 414 0.34 9.97 25.67
CA THR A 414 1.46 9.33 26.36
C THR A 414 2.42 8.66 25.37
N ALA A 415 1.87 7.98 24.37
CA ALA A 415 2.71 7.25 23.42
C ALA A 415 3.48 8.21 22.51
N SER A 416 2.88 9.35 22.19
CA SER A 416 3.53 10.33 21.32
C SER A 416 4.58 11.16 22.06
N SER A 417 4.76 10.93 23.35
CA SER A 417 5.79 11.63 24.11
C SER A 417 7.20 11.20 23.72
N VAL A 418 7.33 10.26 22.79
CA VAL A 418 8.64 9.86 22.28
C VAL A 418 8.90 10.49 20.90
N GLY A 419 8.09 11.47 20.50
CA GLY A 419 8.21 12.05 19.18
C GLY A 419 9.15 13.24 19.11
N ALA A 420 8.67 14.36 18.55
CA ALA A 420 9.49 15.54 18.40
C ALA A 420 9.81 16.15 19.76
N ALA A 421 11.07 16.57 19.92
CA ALA A 421 11.53 17.14 21.17
C ALA A 421 12.75 18.02 20.91
N GLY A 422 13.09 18.84 21.89
CA GLY A 422 14.24 19.71 21.79
C GLY A 422 13.91 21.03 21.11
N VAL A 423 13.44 20.96 19.87
CA VAL A 423 13.07 22.18 19.14
C VAL A 423 11.83 22.80 19.80
N PRO A 424 11.76 24.13 19.94
CA PRO A 424 10.56 24.74 20.52
C PRO A 424 9.35 24.53 19.62
N ALA A 425 8.19 24.43 20.27
CA ALA A 425 6.90 24.25 19.58
C ALA A 425 6.91 23.02 18.67
N GLY A 426 7.56 21.95 19.11
CA GLY A 426 7.61 20.73 18.34
C GLY A 426 6.37 19.87 18.49
N GLY A 427 5.55 20.20 19.49
CA GLY A 427 4.37 19.40 19.79
C GLY A 427 3.18 19.68 18.88
N VAL A 428 3.33 20.58 17.91
CA VAL A 428 2.21 20.89 17.02
C VAL A 428 1.82 19.66 16.21
N LEU A 429 2.81 18.87 15.76
CA LEU A 429 2.49 17.64 15.06
C LEU A 429 1.83 16.63 15.98
N THR A 430 2.23 16.60 17.25
CA THR A 430 1.57 15.74 18.23
C THR A 430 0.11 16.13 18.39
N ILE A 431 -0.18 17.43 18.43
CA ILE A 431 -1.57 17.88 18.50
C ILE A 431 -2.32 17.47 17.24
N ALA A 432 -1.69 17.65 16.08
CA ALA A 432 -2.35 17.34 14.82
C ALA A 432 -2.72 15.86 14.73
N ILE A 433 -1.79 14.98 15.10
CA ILE A 433 -2.05 13.54 14.95
C ILE A 433 -3.13 13.09 15.93
N ILE A 434 -3.11 13.59 17.16
CA ILE A 434 -4.14 13.20 18.11
C ILE A 434 -5.50 13.78 17.75
N LEU A 435 -5.54 14.96 17.12
CA LEU A 435 -6.81 15.47 16.61
C LEU A 435 -7.31 14.62 15.45
N GLU A 436 -6.41 14.17 14.59
CA GLU A 436 -6.80 13.29 13.49
C GLU A 436 -7.31 11.95 14.02
N ALA A 437 -6.76 11.50 15.15
CA ALA A 437 -7.21 10.25 15.76
C ALA A 437 -8.68 10.29 16.15
N ILE A 438 -9.23 11.49 16.39
CA ILE A 438 -10.65 11.62 16.72
C ILE A 438 -11.46 12.19 15.56
N GLY A 439 -10.81 12.67 14.51
CA GLY A 439 -11.52 13.17 13.35
C GLY A 439 -12.13 14.54 13.52
N LEU A 440 -11.52 15.40 14.34
CA LEU A 440 -12.06 16.73 14.51
C LEU A 440 -11.43 17.70 13.51
N PRO A 441 -12.15 18.74 13.09
CA PRO A 441 -11.56 19.72 12.16
C PRO A 441 -10.43 20.51 12.80
N THR A 442 -9.25 20.47 12.18
CA THR A 442 -8.06 21.13 12.71
C THR A 442 -7.95 22.59 12.24
N HIS A 443 -9.06 23.19 11.81
CA HIS A 443 -9.04 24.54 11.28
C HIS A 443 -8.80 25.58 12.38
N ASP A 444 -8.86 25.15 13.64
CA ASP A 444 -8.67 26.03 14.78
C ASP A 444 -7.25 25.91 15.34
N LEU A 445 -6.36 25.29 14.59
CA LEU A 445 -4.98 25.10 15.03
C LEU A 445 -4.22 26.40 15.28
N PRO A 446 -4.23 27.41 14.39
CA PRO A 446 -3.30 28.54 14.57
C PRO A 446 -3.39 29.25 15.91
N LEU A 447 -4.61 29.43 16.42
CA LEU A 447 -4.80 30.23 17.63
C LEU A 447 -4.08 29.64 18.84
N ILE A 448 -3.50 28.45 18.72
CA ILE A 448 -2.82 27.84 19.85
C ILE A 448 -1.34 28.20 19.85
N LEU A 449 -0.75 28.46 18.68
CA LEU A 449 0.67 28.80 18.67
C LEU A 449 0.92 30.29 18.49
N ALA A 450 -0.11 31.12 18.61
CA ALA A 450 0.10 32.55 18.64
C ALA A 450 0.59 32.99 20.02
N VAL A 451 0.46 32.14 21.02
CA VAL A 451 0.88 32.44 22.38
C VAL A 451 1.89 31.44 22.93
N ASP A 452 2.39 30.52 22.10
CA ASP A 452 3.29 29.46 22.54
C ASP A 452 4.59 30.01 23.13
N TRP A 453 4.92 31.26 22.82
CA TRP A 453 6.15 31.88 23.30
C TRP A 453 6.19 32.05 24.81
N ILE A 454 5.11 31.71 25.52
CA ILE A 454 5.09 31.70 26.97
C ILE A 454 4.97 30.29 27.52
N VAL A 455 4.14 29.45 26.89
CA VAL A 455 4.02 28.06 27.33
C VAL A 455 5.33 27.32 27.12
N ASP A 456 6.17 27.79 26.19
CA ASP A 456 7.48 27.17 26.03
C ASP A 456 8.33 27.33 27.29
N ARG A 457 8.41 28.55 27.82
CA ARG A 457 9.11 28.76 29.08
C ARG A 457 8.42 28.00 30.21
N THR A 458 7.09 27.98 30.20
CA THR A 458 6.36 27.29 31.26
C THR A 458 6.66 25.79 31.26
N THR A 459 6.83 25.19 30.09
CA THR A 459 6.95 23.74 29.99
C THR A 459 8.38 23.23 30.03
N THR A 460 9.33 23.97 29.45
CA THR A 460 10.71 23.47 29.41
C THR A 460 11.30 23.35 30.81
N VAL A 461 10.99 24.29 31.69
CA VAL A 461 11.57 24.27 33.04
C VAL A 461 11.11 23.04 33.80
N VAL A 462 9.81 22.73 33.74
CA VAL A 462 9.33 21.55 34.44
C VAL A 462 9.80 20.29 33.74
N ASN A 463 9.94 20.33 32.42
CA ASN A 463 10.42 19.17 31.68
C ASN A 463 11.84 18.80 32.11
N VAL A 464 12.72 19.80 32.23
CA VAL A 464 14.08 19.53 32.67
C VAL A 464 14.13 19.20 34.16
N GLU A 465 13.31 19.84 34.99
CA GLU A 465 13.30 19.52 36.41
C GLU A 465 12.86 18.09 36.65
N GLY A 466 11.95 17.58 35.84
CA GLY A 466 11.50 16.19 35.95
C GLY A 466 12.63 15.20 35.89
N ASP A 467 13.34 15.14 34.76
CA ASP A 467 14.40 14.16 34.63
C ASP A 467 15.61 14.53 35.47
N ALA A 468 15.75 15.81 35.86
CA ALA A 468 16.80 16.17 36.80
C ALA A 468 16.58 15.51 38.15
N LEU A 469 15.36 15.64 38.70
CA LEU A 469 15.06 14.98 39.96
C LEU A 469 15.02 13.47 39.80
N GLY A 470 14.68 12.98 38.60
CA GLY A 470 14.78 11.55 38.36
C GLY A 470 16.20 11.05 38.47
N ALA A 471 17.14 11.76 37.86
CA ALA A 471 18.55 11.42 38.01
C ALA A 471 18.99 11.50 39.47
N GLY A 472 18.50 12.52 40.18
CA GLY A 472 18.83 12.64 41.59
C GLY A 472 18.35 11.46 42.42
N ILE A 473 17.10 11.04 42.21
CA ILE A 473 16.56 9.93 42.98
C ILE A 473 17.23 8.61 42.57
N LEU A 474 17.60 8.46 41.30
CA LEU A 474 18.39 7.29 40.92
C LEU A 474 19.76 7.30 41.59
N HIS A 475 20.38 8.47 41.71
CA HIS A 475 21.65 8.56 42.43
C HIS A 475 21.48 8.17 43.89
N HIS A 476 20.39 8.62 44.52
CA HIS A 476 20.11 8.21 45.89
C HIS A 476 19.89 6.71 45.98
N LEU A 477 19.19 6.11 45.01
CA LEU A 477 19.00 4.67 45.01
C LEU A 477 20.33 3.94 44.91
N ASN A 478 21.22 4.40 44.03
CA ASN A 478 22.55 3.83 43.93
C ASN A 478 23.37 4.02 45.20
N GLN A 479 23.12 5.11 45.94
CA GLN A 479 23.78 5.29 47.22
C GLN A 479 23.35 4.21 48.22
N LYS A 480 22.15 3.66 48.06
CA LYS A 480 21.67 2.60 48.91
C LYS A 480 22.14 1.21 48.46
N ALA A 481 22.86 1.13 47.35
CA ALA A 481 23.37 -0.13 46.81
C ALA A 481 22.24 -1.14 46.59
N ALA B 36 12.11 -31.72 36.37
CA ALA B 36 12.30 -30.31 36.04
C ALA B 36 12.72 -30.14 34.58
N GLY B 37 13.55 -31.06 34.10
CA GLY B 37 14.01 -31.02 32.72
C GLY B 37 12.90 -31.28 31.73
N PHE B 38 12.00 -32.20 32.08
CA PHE B 38 10.86 -32.50 31.23
C PHE B 38 9.82 -31.38 31.22
N LEU B 39 9.91 -30.44 32.18
CA LEU B 39 8.93 -29.36 32.25
C LEU B 39 8.97 -28.49 31.01
N ARG B 40 10.17 -28.18 30.51
CA ARG B 40 10.34 -27.27 29.39
C ARG B 40 10.50 -27.99 28.06
N ARG B 41 10.30 -29.31 28.02
CA ARG B 41 10.48 -30.05 26.78
C ARG B 41 9.28 -29.89 25.85
N GLN B 42 8.10 -30.33 26.30
CA GLN B 42 6.89 -30.24 25.48
C GLN B 42 5.76 -29.62 26.28
N ALA B 43 6.05 -28.50 26.96
CA ALA B 43 5.05 -27.88 27.82
C ALA B 43 3.91 -27.24 27.04
N LEU B 44 4.19 -26.69 25.86
CA LEU B 44 3.15 -25.94 25.14
C LEU B 44 1.99 -26.84 24.72
N VAL B 45 2.30 -28.04 24.23
CA VAL B 45 1.25 -28.96 23.82
C VAL B 45 0.43 -29.41 25.02
N LEU B 46 1.09 -29.66 26.15
CA LEU B 46 0.38 -30.03 27.36
C LEU B 46 -0.54 -28.91 27.81
N LEU B 47 -0.07 -27.66 27.74
CA LEU B 47 -0.91 -26.53 28.12
C LEU B 47 -2.11 -26.41 27.19
N THR B 48 -1.90 -26.58 25.89
CA THR B 48 -3.01 -26.49 24.95
C THR B 48 -4.06 -27.56 25.20
N VAL B 49 -3.62 -28.82 25.40
CA VAL B 49 -4.59 -29.88 25.61
C VAL B 49 -5.28 -29.71 26.96
N SER B 50 -4.57 -29.28 28.00
CA SER B 50 -5.20 -29.02 29.28
C SER B 50 -6.23 -27.92 29.15
N GLY B 51 -5.90 -26.86 28.40
CA GLY B 51 -6.85 -25.78 28.21
C GLY B 51 -8.10 -26.23 27.47
N VAL B 52 -7.93 -27.03 26.42
CA VAL B 52 -9.10 -27.44 25.65
C VAL B 52 -9.97 -28.39 26.47
N LEU B 53 -9.37 -29.28 27.25
CA LEU B 53 -10.17 -30.17 28.09
C LEU B 53 -10.85 -29.40 29.22
N ALA B 54 -10.19 -28.36 29.75
CA ALA B 54 -10.82 -27.53 30.76
C ALA B 54 -11.99 -26.75 30.18
N GLY B 55 -11.85 -26.26 28.95
CA GLY B 55 -12.96 -25.60 28.30
C GLY B 55 -14.13 -26.55 28.05
N ALA B 56 -13.82 -27.78 27.67
CA ALA B 56 -14.87 -28.79 27.52
C ALA B 56 -15.57 -29.05 28.85
N GLY B 57 -14.80 -29.15 29.94
CA GLY B 57 -15.38 -29.36 31.25
C GLY B 57 -16.24 -28.19 31.70
N LEU B 58 -15.82 -26.96 31.41
CA LEU B 58 -16.63 -25.79 31.69
C LEU B 58 -17.91 -25.76 30.87
N GLY B 59 -17.84 -26.20 29.61
CA GLY B 59 -19.06 -26.42 28.86
C GLY B 59 -19.86 -27.62 29.33
N ALA B 60 -19.22 -28.53 30.06
CA ALA B 60 -19.90 -29.69 30.63
C ALA B 60 -20.67 -29.36 31.89
N ALA B 61 -20.85 -28.08 32.22
CA ALA B 61 -21.68 -27.68 33.35
C ALA B 61 -23.14 -28.02 33.07
N LEU B 62 -24.03 -27.70 34.01
CA LEU B 62 -25.45 -27.94 33.80
C LEU B 62 -25.91 -27.22 32.53
N ARG B 63 -26.99 -27.73 31.94
CA ARG B 63 -27.24 -27.63 30.50
C ARG B 63 -26.96 -26.26 29.88
N GLY B 64 -27.71 -25.22 30.25
CA GLY B 64 -27.42 -23.95 29.63
C GLY B 64 -27.03 -22.80 30.54
N LEU B 65 -27.69 -22.68 31.69
CA LEU B 65 -27.45 -21.58 32.64
C LEU B 65 -27.25 -20.24 31.96
N SER B 66 -28.00 -19.98 30.89
CA SER B 66 -27.70 -18.86 30.01
C SER B 66 -28.92 -17.95 29.85
N LEU B 67 -28.63 -16.67 29.64
CA LEU B 67 -29.62 -15.68 29.31
C LEU B 67 -29.71 -15.61 27.78
N SER B 68 -30.34 -14.57 27.24
CA SER B 68 -30.50 -14.44 25.80
C SER B 68 -29.14 -14.18 25.14
N ARG B 69 -29.18 -13.98 23.82
CA ARG B 69 -27.98 -13.84 23.01
C ARG B 69 -27.12 -12.67 23.46
N THR B 70 -27.73 -11.69 24.16
CA THR B 70 -27.01 -10.53 24.64
C THR B 70 -25.86 -10.96 25.55
N GLN B 71 -26.11 -11.97 26.39
CA GLN B 71 -25.05 -12.46 27.27
C GLN B 71 -24.11 -13.42 26.55
N VAL B 72 -24.65 -14.22 25.63
CA VAL B 72 -23.84 -15.25 24.98
C VAL B 72 -22.80 -14.62 24.06
N THR B 73 -23.20 -13.58 23.31
CA THR B 73 -22.34 -13.02 22.28
C THR B 73 -21.05 -12.45 22.86
N TYR B 74 -21.16 -11.70 23.96
CA TYR B 74 -19.97 -11.08 24.51
C TYR B 74 -19.15 -12.02 25.38
N LEU B 75 -19.62 -13.26 25.59
CA LEU B 75 -18.86 -14.26 26.30
C LEU B 75 -17.96 -15.08 25.39
N ALA B 76 -17.98 -14.81 24.09
CA ALA B 76 -17.09 -15.46 23.13
C ALA B 76 -16.10 -14.49 22.50
N PHE B 77 -15.82 -13.37 23.15
CA PHE B 77 -14.99 -12.30 22.62
C PHE B 77 -13.58 -12.76 22.24
N PRO B 78 -12.84 -13.49 23.10
CA PRO B 78 -11.46 -13.84 22.75
C PRO B 78 -11.34 -14.73 21.52
N GLY B 79 -12.38 -15.51 21.23
CA GLY B 79 -12.37 -16.33 20.03
C GLY B 79 -12.33 -15.48 18.78
N GLU B 80 -13.20 -14.46 18.75
CA GLU B 80 -13.13 -13.48 17.67
C GLU B 80 -11.78 -12.77 17.69
N MET B 81 -11.25 -12.50 18.89
CA MET B 81 -9.91 -11.93 18.99
C MET B 81 -8.84 -12.84 18.41
N LEU B 82 -8.90 -14.15 18.69
CA LEU B 82 -7.93 -15.08 18.13
C LEU B 82 -8.03 -15.17 16.62
N LEU B 83 -9.25 -15.19 16.09
CA LEU B 83 -9.41 -15.20 14.64
C LEU B 83 -8.88 -13.90 14.02
N ARG B 84 -9.06 -12.77 14.71
CA ARG B 84 -8.54 -11.51 14.20
C ARG B 84 -7.03 -11.52 14.12
N MET B 85 -6.37 -12.02 15.18
CA MET B 85 -4.92 -12.11 15.17
C MET B 85 -4.41 -13.13 14.17
N LEU B 86 -5.19 -14.16 13.85
CA LEU B 86 -4.79 -15.08 12.78
C LEU B 86 -4.92 -14.41 11.41
N ARG B 87 -5.96 -13.60 11.23
CA ARG B 87 -6.13 -12.89 9.96
C ARG B 87 -5.12 -11.75 9.83
N MET B 88 -4.53 -11.34 10.96
CA MET B 88 -3.51 -10.28 10.96
C MET B 88 -2.49 -10.45 9.84
N ILE B 89 -1.80 -11.59 9.80
CA ILE B 89 -0.62 -11.76 8.97
C ILE B 89 -0.85 -12.64 7.76
N ILE B 90 -2.10 -12.75 7.27
CA ILE B 90 -2.33 -13.56 6.09
C ILE B 90 -1.69 -12.92 4.85
N LEU B 91 -1.74 -11.59 4.75
CA LEU B 91 -1.23 -10.92 3.56
C LEU B 91 0.29 -10.91 3.49
N PRO B 92 1.02 -10.39 4.49
CA PRO B 92 2.48 -10.29 4.34
C PRO B 92 3.16 -11.62 4.12
N LEU B 93 2.71 -12.68 4.79
CA LEU B 93 3.32 -14.00 4.61
C LEU B 93 3.14 -14.48 3.18
N VAL B 94 1.90 -14.45 2.68
CA VAL B 94 1.63 -14.98 1.34
C VAL B 94 2.29 -14.12 0.27
N VAL B 95 2.52 -12.84 0.56
CA VAL B 95 3.11 -11.98 -0.46
C VAL B 95 4.63 -12.01 -0.41
N CYS B 96 5.22 -12.42 0.71
CA CYS B 96 6.67 -12.39 0.83
C CYS B 96 7.30 -13.77 0.69
N SER B 97 6.82 -14.75 1.47
CA SER B 97 7.44 -16.06 1.47
C SER B 97 7.32 -16.74 0.12
N LEU B 98 6.18 -16.57 -0.57
CA LEU B 98 6.00 -17.17 -1.88
C LEU B 98 7.01 -16.61 -2.87
N VAL B 99 7.20 -15.29 -2.87
CA VAL B 99 8.17 -14.68 -3.78
C VAL B 99 9.58 -15.15 -3.45
N SER B 100 9.92 -15.20 -2.15
CA SER B 100 11.25 -15.65 -1.75
C SER B 100 11.50 -17.08 -2.19
N GLY B 101 10.51 -17.96 -2.03
CA GLY B 101 10.63 -19.34 -2.48
C GLY B 101 10.77 -19.46 -3.99
N ALA B 102 9.99 -18.67 -4.72
CA ALA B 102 10.08 -18.68 -6.18
C ALA B 102 11.40 -18.11 -6.68
N ALA B 103 12.08 -17.27 -5.89
CA ALA B 103 13.38 -16.75 -6.28
C ALA B 103 14.44 -17.83 -6.36
N SER B 104 14.42 -18.80 -5.44
CA SER B 104 15.39 -19.87 -5.42
C SER B 104 15.03 -21.02 -6.35
N LEU B 105 13.85 -20.99 -6.96
CA LEU B 105 13.42 -22.05 -7.85
C LEU B 105 14.18 -21.97 -9.17
N ASP B 106 14.23 -23.11 -9.87
CA ASP B 106 14.89 -23.22 -11.18
C ASP B 106 16.38 -22.85 -11.07
N ALA B 107 17.09 -23.70 -10.35
CA ALA B 107 18.52 -23.48 -10.11
C ALA B 107 19.33 -23.74 -11.38
N SER B 108 19.18 -22.86 -12.37
CA SER B 108 19.92 -22.89 -13.63
C SER B 108 19.64 -24.16 -14.45
N CYS B 109 18.66 -24.95 -14.03
CA CYS B 109 18.32 -26.21 -14.70
C CYS B 109 19.57 -27.09 -14.87
N LEU B 110 20.34 -27.20 -13.79
CA LEU B 110 21.58 -27.97 -13.83
C LEU B 110 21.30 -29.43 -14.18
N GLY B 111 20.16 -29.96 -13.78
CA GLY B 111 19.73 -31.27 -14.21
C GLY B 111 18.64 -31.17 -15.26
N ARG B 112 19.01 -31.41 -16.52
CA ARG B 112 18.02 -31.30 -17.60
C ARG B 112 16.90 -32.31 -17.44
N LEU B 113 17.16 -33.42 -16.76
CA LEU B 113 16.13 -34.40 -16.46
C LEU B 113 15.46 -34.14 -15.12
N GLY B 114 15.78 -33.01 -14.47
CA GLY B 114 15.23 -32.69 -13.17
C GLY B 114 13.85 -32.06 -13.23
N GLY B 115 13.58 -31.30 -14.30
CA GLY B 115 12.26 -30.73 -14.47
C GLY B 115 11.19 -31.79 -14.63
N ILE B 116 11.57 -32.97 -15.14
CA ILE B 116 10.64 -34.09 -15.19
C ILE B 116 10.16 -34.45 -13.80
N ALA B 117 11.07 -34.43 -12.82
CA ALA B 117 10.69 -34.68 -11.44
C ALA B 117 9.74 -33.62 -10.90
N VAL B 118 9.96 -32.35 -11.27
CA VAL B 118 9.07 -31.29 -10.84
C VAL B 118 7.67 -31.50 -11.42
N ALA B 119 7.59 -31.84 -12.70
CA ALA B 119 6.29 -32.13 -13.30
C ALA B 119 5.64 -33.35 -12.66
N TYR B 120 6.44 -34.36 -12.31
CA TYR B 120 5.92 -35.53 -11.63
C TYR B 120 5.32 -35.17 -10.29
N PHE B 121 6.02 -34.33 -9.51
CA PHE B 121 5.50 -33.89 -8.22
C PHE B 121 4.20 -33.11 -8.41
N GLY B 122 4.17 -32.20 -9.39
CA GLY B 122 2.96 -31.45 -9.64
C GLY B 122 1.78 -32.33 -9.98
N LEU B 123 2.00 -33.29 -10.89
CA LEU B 123 0.91 -34.14 -11.33
C LEU B 123 0.44 -35.08 -10.23
N THR B 124 1.38 -35.60 -9.42
CA THR B 124 0.95 -36.49 -8.34
C THR B 124 0.19 -35.73 -7.27
N THR B 125 0.60 -34.49 -6.97
CA THR B 125 -0.15 -33.67 -6.04
C THR B 125 -1.55 -33.37 -6.58
N LEU B 126 -1.62 -33.07 -7.89
CA LEU B 126 -2.92 -32.79 -8.52
C LEU B 126 -3.83 -34.01 -8.42
N SER B 127 -3.31 -35.18 -8.76
CA SER B 127 -4.11 -36.40 -8.70
C SER B 127 -4.54 -36.71 -7.27
N ALA B 128 -3.63 -36.50 -6.31
CA ALA B 128 -3.96 -36.72 -4.92
C ALA B 128 -5.12 -35.84 -4.49
N SER B 129 -5.03 -34.55 -4.80
CA SER B 129 -6.11 -33.62 -4.42
C SER B 129 -7.42 -34.01 -5.09
N ALA B 130 -7.36 -34.38 -6.37
CA ALA B 130 -8.58 -34.74 -7.09
C ALA B 130 -9.24 -35.97 -6.48
N LEU B 131 -8.46 -37.03 -6.24
CA LEU B 131 -9.06 -38.23 -5.66
C LEU B 131 -9.56 -37.98 -4.25
N ALA B 132 -8.85 -37.16 -3.48
CA ALA B 132 -9.28 -36.87 -2.11
C ALA B 132 -10.62 -36.15 -2.11
N VAL B 133 -10.76 -35.11 -2.94
CA VAL B 133 -12.01 -34.37 -2.95
C VAL B 133 -13.14 -35.21 -3.51
N ALA B 134 -12.85 -36.06 -4.52
CA ALA B 134 -13.89 -36.92 -5.06
C ALA B 134 -14.38 -37.91 -4.02
N LEU B 135 -13.46 -38.56 -3.30
CA LEU B 135 -13.87 -39.51 -2.28
C LEU B 135 -14.61 -38.83 -1.15
N ALA B 136 -14.17 -37.63 -0.75
CA ALA B 136 -14.87 -36.90 0.31
C ALA B 136 -16.28 -36.55 -0.11
N PHE B 137 -16.46 -36.11 -1.35
CA PHE B 137 -17.80 -35.82 -1.85
C PHE B 137 -18.65 -37.08 -1.93
N ILE B 138 -18.03 -38.22 -2.23
CA ILE B 138 -18.76 -39.48 -2.27
C ILE B 138 -19.25 -39.87 -0.88
N ILE B 139 -18.37 -39.81 0.11
CA ILE B 139 -18.74 -40.23 1.46
C ILE B 139 -19.62 -39.21 2.17
N LYS B 140 -19.49 -37.93 1.85
CA LYS B 140 -20.27 -36.84 2.42
C LYS B 140 -20.14 -36.78 3.95
N PRO B 141 -18.97 -36.44 4.49
CA PRO B 141 -18.85 -36.30 5.94
C PRO B 141 -19.37 -34.96 6.45
N GLY B 142 -20.10 -34.98 7.56
CA GLY B 142 -20.61 -33.78 8.18
C GLY B 142 -21.95 -33.31 7.66
N SER B 143 -22.49 -33.99 6.65
CA SER B 143 -23.76 -33.62 6.06
C SER B 143 -24.95 -34.32 6.73
N GLY B 144 -24.71 -35.07 7.79
CA GLY B 144 -25.78 -35.77 8.48
C GLY B 144 -26.82 -34.86 9.09
N ALA B 145 -26.37 -33.80 9.74
CA ALA B 145 -27.28 -32.84 10.36
C ALA B 145 -27.09 -31.45 9.78
N PRO B 164 -30.94 -15.86 -8.11
CA PRO B 164 -29.74 -15.92 -7.29
C PRO B 164 -28.77 -17.01 -7.72
N LYS B 165 -29.26 -18.01 -8.46
CA LYS B 165 -28.42 -19.08 -8.95
C LYS B 165 -27.52 -18.59 -10.07
N GLU B 166 -26.41 -19.30 -10.27
CA GLU B 166 -25.41 -18.94 -11.28
C GLU B 166 -25.34 -20.01 -12.34
N THR B 167 -25.22 -19.58 -13.59
CA THR B 167 -25.08 -20.49 -14.71
C THR B 167 -23.67 -21.06 -14.78
N VAL B 168 -23.50 -22.09 -15.61
CA VAL B 168 -22.19 -22.76 -15.72
C VAL B 168 -21.17 -21.92 -16.45
N ASP B 169 -21.53 -20.74 -16.95
CA ASP B 169 -20.61 -19.88 -17.68
C ASP B 169 -19.84 -18.95 -16.77
N SER B 170 -19.75 -19.25 -15.47
CA SER B 170 -19.05 -18.39 -14.54
C SER B 170 -17.54 -18.60 -14.56
N PHE B 171 -17.04 -19.58 -15.31
CA PHE B 171 -15.61 -19.88 -15.30
C PHE B 171 -14.80 -18.66 -15.74
N LEU B 172 -15.27 -17.95 -16.76
CA LEU B 172 -14.56 -16.76 -17.21
C LEU B 172 -14.38 -15.75 -16.09
N ASP B 173 -15.34 -15.68 -15.16
CA ASP B 173 -15.19 -14.78 -14.03
C ASP B 173 -13.93 -15.09 -13.25
N LEU B 174 -13.66 -16.39 -13.02
CA LEU B 174 -12.40 -16.78 -12.41
C LEU B 174 -11.23 -16.22 -13.20
N ALA B 175 -11.26 -16.40 -14.53
CA ALA B 175 -10.21 -15.85 -15.36
C ALA B 175 -10.12 -14.33 -15.21
N ARG B 176 -11.26 -13.67 -15.03
CA ARG B 176 -11.22 -12.23 -14.81
C ARG B 176 -10.63 -11.91 -13.44
N ASN B 177 -10.91 -12.75 -12.45
CA ASN B 177 -10.29 -12.55 -11.14
C ASN B 177 -8.85 -13.04 -11.13
N LEU B 178 -8.44 -13.79 -12.15
CA LEU B 178 -7.04 -14.17 -12.28
C LEU B 178 -6.14 -12.96 -12.45
N PHE B 179 -6.66 -11.88 -13.03
CA PHE B 179 -5.87 -10.68 -13.29
C PHE B 179 -6.60 -9.46 -12.77
N PRO B 180 -6.24 -8.91 -11.61
CA PRO B 180 -6.90 -7.72 -11.10
C PRO B 180 -6.56 -6.47 -11.91
N SER B 181 -7.44 -5.49 -11.82
CA SER B 181 -7.20 -4.22 -12.51
C SER B 181 -5.97 -3.53 -11.94
N ASN B 182 -5.88 -3.42 -10.62
CA ASN B 182 -4.72 -2.85 -9.95
C ASN B 182 -4.52 -3.56 -8.62
N LEU B 183 -3.30 -3.52 -8.11
CA LEU B 183 -2.95 -4.29 -6.93
C LEU B 183 -3.73 -3.82 -5.70
N VAL B 184 -3.88 -2.51 -5.55
CA VAL B 184 -4.52 -1.96 -4.36
C VAL B 184 -5.97 -2.40 -4.23
N VAL B 185 -6.72 -2.39 -5.34
CA VAL B 185 -8.11 -2.83 -5.28
C VAL B 185 -8.20 -4.31 -4.92
N ALA B 186 -7.27 -5.13 -5.39
CA ALA B 186 -7.29 -6.56 -5.16
C ALA B 186 -7.01 -6.95 -3.72
N ALA B 187 -6.91 -6.01 -2.79
CA ALA B 187 -6.62 -6.33 -1.40
C ALA B 187 -7.86 -6.58 -0.56
N PHE B 188 -9.02 -6.04 -0.96
CA PHE B 188 -10.22 -6.20 -0.15
C PHE B 188 -11.47 -6.57 -0.93
N ARG B 189 -11.56 -6.31 -2.23
CA ARG B 189 -12.77 -6.64 -2.97
C ARG B 189 -12.39 -7.04 -4.39
N THR B 190 -13.26 -7.83 -5.02
CA THR B 190 -13.00 -8.40 -6.33
C THR B 190 -14.24 -8.28 -7.21
N TYR B 191 -14.18 -8.94 -8.36
CA TYR B 191 -15.17 -8.86 -9.42
C TYR B 191 -16.06 -10.09 -9.42
N ALA B 192 -17.36 -9.89 -9.68
CA ALA B 192 -18.27 -11.00 -9.86
C ALA B 192 -19.48 -10.60 -10.68
N THR B 193 -19.88 -11.42 -11.64
CA THR B 193 -20.98 -11.09 -12.52
C THR B 193 -22.32 -11.45 -11.89
N ASP B 194 -23.37 -10.80 -12.37
CA ASP B 194 -24.73 -11.08 -11.94
C ASP B 194 -25.66 -10.86 -13.13
N TYR B 195 -26.74 -11.65 -13.18
CA TYR B 195 -27.69 -11.56 -14.28
C TYR B 195 -28.85 -10.68 -13.89
N LYS B 196 -29.18 -9.73 -14.76
CA LYS B 196 -30.37 -8.89 -14.58
C LYS B 196 -31.10 -8.77 -15.90
N VAL B 197 -32.38 -8.44 -15.82
CA VAL B 197 -33.24 -8.31 -16.99
C VAL B 197 -33.35 -6.83 -17.35
N VAL B 198 -33.20 -6.54 -18.64
CA VAL B 198 -33.30 -5.16 -19.13
C VAL B 198 -34.57 -4.95 -19.93
N THR B 199 -35.21 -6.01 -20.44
CA THR B 199 -36.38 -5.92 -21.31
C THR B 199 -36.09 -5.05 -22.52
N GLN B 200 -34.88 -5.18 -23.07
CA GLN B 200 -34.49 -4.50 -24.29
C GLN B 200 -34.87 -5.28 -25.54
N ASN B 201 -34.64 -6.59 -25.55
CA ASN B 201 -35.13 -7.47 -26.61
C ASN B 201 -36.48 -8.06 -26.27
N SER B 202 -37.01 -7.82 -25.07
CA SER B 202 -38.34 -8.31 -24.71
C SER B 202 -39.43 -7.60 -25.51
N SER B 203 -39.11 -6.45 -26.10
CA SER B 203 -40.11 -5.72 -26.88
C SER B 203 -40.52 -6.50 -28.13
N SER B 204 -39.63 -7.36 -28.63
CA SER B 204 -39.88 -8.07 -29.89
C SER B 204 -40.05 -9.57 -29.69
N GLY B 205 -39.05 -10.25 -29.13
CA GLY B 205 -39.12 -11.70 -29.05
C GLY B 205 -38.52 -12.33 -27.81
N ASN B 206 -38.03 -11.53 -26.88
CA ASN B 206 -37.36 -12.03 -25.68
C ASN B 206 -38.12 -11.66 -24.41
N VAL B 207 -39.44 -11.84 -24.42
CA VAL B 207 -40.28 -11.35 -23.33
C VAL B 207 -39.90 -12.01 -22.01
N THR B 208 -40.00 -11.25 -20.93
CA THR B 208 -39.89 -11.68 -19.53
C THR B 208 -38.52 -12.24 -19.17
N HIS B 209 -37.53 -12.20 -20.07
CA HIS B 209 -36.23 -12.77 -19.76
C HIS B 209 -35.12 -12.21 -20.64
N GLU B 210 -34.11 -11.59 -20.01
CA GLU B 210 -32.94 -11.14 -20.75
C GLU B 210 -31.68 -11.86 -20.32
N LYS B 211 -31.52 -12.13 -19.03
CA LYS B 211 -30.31 -12.74 -18.47
C LYS B 211 -29.05 -11.98 -18.89
N ILE B 212 -29.11 -10.65 -18.86
CA ILE B 212 -27.95 -9.83 -19.22
C ILE B 212 -26.95 -9.90 -18.09
N PRO B 213 -25.72 -10.35 -18.35
CA PRO B 213 -24.71 -10.42 -17.28
C PRO B 213 -23.90 -9.14 -17.18
N ILE B 214 -23.81 -8.57 -15.98
CA ILE B 214 -22.99 -7.41 -15.69
C ILE B 214 -22.25 -7.65 -14.38
N GLY B 215 -20.98 -7.28 -14.34
CA GLY B 215 -20.13 -7.54 -13.20
C GLY B 215 -20.09 -6.39 -12.23
N THR B 216 -20.15 -6.71 -10.94
CA THR B 216 -20.06 -5.74 -9.86
C THR B 216 -18.92 -6.10 -8.92
N GLU B 217 -18.67 -5.21 -7.97
CA GLU B 217 -17.61 -5.41 -7.00
C GLU B 217 -18.17 -5.94 -5.68
N ILE B 218 -17.55 -7.00 -5.17
CA ILE B 218 -17.97 -7.65 -3.94
C ILE B 218 -16.76 -7.84 -3.05
N GLU B 219 -16.94 -7.56 -1.76
CA GLU B 219 -15.86 -7.59 -0.79
C GLU B 219 -15.23 -8.97 -0.71
N GLY B 220 -14.04 -9.01 -0.12
CA GLY B 220 -13.25 -10.23 -0.06
C GLY B 220 -12.13 -10.19 -1.08
N MET B 221 -10.89 -10.42 -0.62
CA MET B 221 -9.74 -10.34 -1.50
C MET B 221 -9.66 -11.59 -2.38
N ASN B 222 -8.68 -11.58 -3.29
CA ASN B 222 -8.43 -12.70 -4.19
C ASN B 222 -6.98 -13.13 -4.05
N ILE B 223 -6.73 -14.10 -3.17
CA ILE B 223 -5.42 -14.72 -3.06
C ILE B 223 -5.04 -15.36 -4.39
N LEU B 224 -6.01 -15.95 -5.08
CA LEU B 224 -5.78 -16.45 -6.44
C LEU B 224 -5.32 -15.33 -7.36
N GLY B 225 -5.88 -14.14 -7.19
CA GLY B 225 -5.55 -13.03 -8.05
C GLY B 225 -4.22 -12.39 -7.72
N LEU B 226 -3.50 -12.95 -6.75
CA LEU B 226 -2.24 -12.39 -6.29
C LEU B 226 -1.05 -13.35 -6.44
N VAL B 227 -1.31 -14.66 -6.34
CA VAL B 227 -0.21 -15.63 -6.32
C VAL B 227 0.52 -15.67 -7.67
N LEU B 228 -0.24 -15.59 -8.76
CA LEU B 228 0.39 -15.60 -10.07
C LEU B 228 1.25 -14.36 -10.29
N PHE B 229 0.77 -13.20 -9.86
CA PHE B 229 1.57 -11.99 -9.96
C PHE B 229 2.82 -12.09 -9.10
N ALA B 230 2.69 -12.67 -7.91
CA ALA B 230 3.86 -12.86 -7.05
C ALA B 230 4.88 -13.77 -7.71
N LEU B 231 4.42 -14.86 -8.33
CA LEU B 231 5.34 -15.77 -9.00
C LEU B 231 6.03 -15.10 -10.19
N VAL B 232 5.27 -14.32 -10.96
CA VAL B 232 5.85 -13.62 -12.11
C VAL B 232 6.93 -12.66 -11.63
N LEU B 233 6.62 -11.88 -10.59
CA LEU B 233 7.62 -10.96 -10.05
C LEU B 233 8.83 -11.72 -9.51
N GLY B 234 8.59 -12.89 -8.91
CA GLY B 234 9.69 -13.66 -8.35
C GLY B 234 10.64 -14.16 -9.42
N VAL B 235 10.12 -14.66 -10.53
CA VAL B 235 11.01 -15.08 -11.61
C VAL B 235 11.64 -13.85 -12.27
N ALA B 236 10.94 -12.72 -12.25
CA ALA B 236 11.44 -11.52 -12.91
C ALA B 236 12.66 -10.96 -12.20
N LEU B 237 12.60 -10.83 -10.87
CA LEU B 237 13.75 -10.16 -10.25
C LEU B 237 14.96 -11.06 -10.16
N LYS B 238 14.83 -12.33 -10.54
CA LYS B 238 15.95 -13.25 -10.61
C LYS B 238 16.49 -13.41 -12.02
N LYS B 239 15.64 -13.28 -13.05
CA LYS B 239 16.09 -13.54 -14.41
C LYS B 239 17.07 -12.47 -14.90
N LEU B 240 16.87 -11.21 -14.50
CA LEU B 240 17.67 -10.14 -15.09
C LEU B 240 19.13 -10.18 -14.66
N GLY B 241 19.45 -10.86 -13.57
CA GLY B 241 20.82 -11.01 -13.13
C GLY B 241 21.02 -10.55 -11.69
N SER B 242 22.29 -10.56 -11.29
CA SER B 242 22.65 -10.24 -9.91
C SER B 242 22.47 -8.77 -9.57
N GLU B 243 22.26 -7.92 -10.58
CA GLU B 243 22.08 -6.49 -10.33
C GLU B 243 20.82 -6.19 -9.53
N GLY B 244 19.79 -7.04 -9.62
CA GLY B 244 18.61 -6.91 -8.80
C GLY B 244 18.63 -7.90 -7.65
N GLU B 245 19.82 -8.45 -7.38
CA GLU B 245 19.95 -9.48 -6.36
C GLU B 245 19.59 -8.94 -4.98
N ASP B 246 19.95 -7.68 -4.71
CA ASP B 246 19.72 -7.12 -3.38
C ASP B 246 18.26 -7.21 -2.97
N LEU B 247 17.34 -7.02 -3.93
CA LEU B 247 15.92 -7.12 -3.62
C LEU B 247 15.57 -8.48 -3.02
N ILE B 248 16.16 -9.54 -3.56
CA ILE B 248 15.96 -10.88 -2.98
C ILE B 248 16.43 -10.87 -1.53
N ARG B 249 17.63 -10.35 -1.30
CA ARG B 249 18.15 -10.28 0.07
C ARG B 249 17.24 -9.44 0.96
N PHE B 250 16.43 -8.57 0.35
CA PHE B 250 15.38 -7.91 1.10
C PHE B 250 14.28 -8.88 1.46
N PHE B 251 13.65 -9.49 0.45
CA PHE B 251 12.43 -10.28 0.69
C PHE B 251 12.72 -11.47 1.59
N ASN B 252 13.81 -12.19 1.33
CA ASN B 252 14.13 -13.39 2.08
C ASN B 252 14.46 -13.06 3.54
N SER B 253 14.48 -11.76 3.87
CA SER B 253 14.60 -11.35 5.25
C SER B 253 13.23 -11.20 5.91
N LEU B 254 12.29 -10.56 5.21
CA LEU B 254 11.02 -10.17 5.82
C LEU B 254 10.27 -11.40 6.33
N ASN B 255 10.28 -12.49 5.58
CA ASN B 255 9.64 -13.72 6.04
C ASN B 255 10.21 -14.14 7.38
N GLU B 256 11.55 -14.18 7.49
CA GLU B 256 12.17 -14.51 8.77
C GLU B 256 11.81 -13.48 9.83
N ALA B 257 11.56 -12.24 9.42
CA ALA B 257 11.10 -11.21 10.35
C ALA B 257 9.63 -11.37 10.70
N THR B 258 8.82 -11.94 9.82
CA THR B 258 7.39 -12.01 10.08
C THR B 258 6.94 -13.35 10.59
N MET B 259 7.74 -14.40 10.43
CA MET B 259 7.33 -15.70 10.94
C MET B 259 7.50 -15.77 12.45
N VAL B 260 8.56 -15.17 12.99
CA VAL B 260 8.85 -15.32 14.41
C VAL B 260 7.67 -14.89 15.26
N LEU B 261 7.00 -13.79 14.89
CA LEU B 261 5.93 -13.27 15.72
C LEU B 261 4.79 -14.27 15.87
N VAL B 262 4.52 -15.11 14.86
CA VAL B 262 3.36 -15.98 15.00
C VAL B 262 3.63 -17.00 16.10
N SER B 263 4.91 -17.28 16.38
CA SER B 263 5.23 -18.15 17.50
C SER B 263 4.69 -17.57 18.80
N TRP B 264 4.84 -16.25 18.98
CA TRP B 264 4.23 -15.60 20.13
C TRP B 264 2.72 -15.78 20.13
N ILE B 265 2.10 -15.75 18.95
CA ILE B 265 0.67 -16.00 18.86
C ILE B 265 0.34 -17.38 19.42
N MET B 266 1.23 -18.35 19.17
CA MET B 266 1.03 -19.68 19.73
C MET B 266 0.89 -19.62 21.24
N TRP B 267 1.67 -18.75 21.89
CA TRP B 267 1.63 -18.64 23.35
C TRP B 267 0.25 -18.22 23.86
N TYR B 268 -0.59 -17.64 23.00
CA TYR B 268 -1.94 -17.26 23.38
C TYR B 268 -2.99 -18.30 23.00
N VAL B 269 -2.65 -19.24 22.13
CA VAL B 269 -3.63 -20.20 21.61
C VAL B 269 -4.31 -21.01 22.71
N PRO B 270 -3.58 -21.58 23.68
CA PRO B 270 -4.28 -22.37 24.72
C PRO B 270 -5.29 -21.56 25.52
N VAL B 271 -5.05 -20.27 25.71
CA VAL B 271 -5.99 -19.46 26.49
C VAL B 271 -7.30 -19.28 25.73
N GLY B 272 -7.22 -18.93 24.44
CA GLY B 272 -8.40 -18.61 23.67
C GLY B 272 -9.31 -19.79 23.39
N ILE B 273 -8.73 -20.95 23.09
CA ILE B 273 -9.52 -22.08 22.60
C ILE B 273 -10.60 -22.48 23.60
N MET B 274 -10.24 -22.59 24.88
CA MET B 274 -11.19 -23.04 25.88
C MET B 274 -12.40 -22.11 25.96
N PHE B 275 -12.25 -20.88 25.49
CA PHE B 275 -13.39 -19.96 25.49
C PHE B 275 -14.44 -20.34 24.45
N LEU B 276 -14.02 -20.68 23.23
CA LEU B 276 -15.01 -20.84 22.17
C LEU B 276 -15.41 -22.29 21.94
N VAL B 277 -14.64 -23.26 22.41
CA VAL B 277 -15.08 -24.65 22.32
C VAL B 277 -16.33 -24.87 23.16
N GLY B 278 -16.29 -24.46 24.44
CA GLY B 278 -17.48 -24.53 25.27
C GLY B 278 -18.59 -23.66 24.73
N SER B 279 -18.22 -22.46 24.26
CA SER B 279 -19.22 -21.57 23.66
C SER B 279 -19.88 -22.21 22.45
N LYS B 280 -19.26 -23.24 21.87
CA LYS B 280 -19.89 -23.92 20.76
C LYS B 280 -20.79 -25.05 21.23
N ILE B 281 -20.50 -25.65 22.37
CA ILE B 281 -21.22 -26.85 22.79
C ILE B 281 -22.38 -26.58 23.73
N VAL B 282 -22.45 -25.38 24.31
CA VAL B 282 -23.52 -25.08 25.25
C VAL B 282 -24.87 -25.06 24.55
N GLU B 283 -24.94 -24.41 23.38
CA GLU B 283 -26.20 -24.19 22.70
C GLU B 283 -26.61 -25.33 21.78
N MET B 284 -25.68 -26.20 21.38
CA MET B 284 -26.02 -27.35 20.55
C MET B 284 -26.78 -28.44 21.31
N LYS B 285 -26.38 -28.75 22.54
CA LYS B 285 -26.98 -29.76 23.40
C LYS B 285 -26.90 -31.16 22.83
N ASP B 286 -26.20 -31.36 21.70
CA ASP B 286 -26.06 -32.67 21.08
C ASP B 286 -24.59 -33.01 20.99
N ILE B 287 -24.25 -34.23 21.35
CA ILE B 287 -22.86 -34.70 21.38
C ILE B 287 -22.63 -35.82 20.37
N ILE B 288 -23.67 -36.59 20.06
CA ILE B 288 -23.51 -37.73 19.14
C ILE B 288 -23.17 -37.25 17.73
N VAL B 289 -23.82 -36.19 17.27
CA VAL B 289 -23.64 -35.72 15.90
C VAL B 289 -22.19 -35.33 15.67
N LEU B 290 -21.62 -34.55 16.59
CA LEU B 290 -20.27 -34.04 16.41
C LEU B 290 -19.25 -35.18 16.38
N VAL B 291 -19.36 -36.12 17.32
CA VAL B 291 -18.38 -37.20 17.39
C VAL B 291 -18.52 -38.13 16.19
N THR B 292 -19.76 -38.39 15.77
CA THR B 292 -19.96 -39.24 14.60
C THR B 292 -19.39 -38.59 13.34
N SER B 293 -19.63 -37.29 13.17
CA SER B 293 -19.08 -36.57 12.02
C SER B 293 -17.56 -36.58 12.04
N LEU B 294 -16.97 -36.34 13.21
CA LEU B 294 -15.51 -36.32 13.31
C LEU B 294 -14.93 -37.70 13.00
N GLY B 295 -15.56 -38.75 13.53
CA GLY B 295 -15.07 -40.10 13.25
C GLY B 295 -15.17 -40.45 11.77
N LYS B 296 -16.29 -40.07 11.14
CA LYS B 296 -16.43 -40.30 9.71
C LYS B 296 -15.37 -39.54 8.92
N TYR B 297 -15.11 -38.30 9.32
CA TYR B 297 -14.09 -37.50 8.65
C TYR B 297 -12.71 -38.14 8.77
N ILE B 298 -12.36 -38.60 9.97
CA ILE B 298 -11.06 -39.22 10.17
C ILE B 298 -10.95 -40.52 9.37
N PHE B 299 -12.01 -41.33 9.38
CA PHE B 299 -11.99 -42.57 8.64
C PHE B 299 -11.83 -42.32 7.15
N ALA B 300 -12.56 -41.33 6.62
CA ALA B 300 -12.44 -40.99 5.21
C ALA B 300 -11.03 -40.53 4.87
N SER B 301 -10.45 -39.67 5.71
CA SER B 301 -9.12 -39.15 5.45
C SER B 301 -8.08 -40.27 5.44
N ILE B 302 -8.14 -41.16 6.43
CA ILE B 302 -7.14 -42.22 6.51
C ILE B 302 -7.33 -43.21 5.36
N LEU B 303 -8.58 -43.49 4.99
CA LEU B 303 -8.83 -44.37 3.84
C LEU B 303 -8.27 -43.76 2.57
N GLY B 304 -8.47 -42.45 2.37
CA GLY B 304 -7.92 -41.80 1.20
C GLY B 304 -6.41 -41.84 1.18
N HIS B 305 -5.77 -41.59 2.32
CA HIS B 305 -4.32 -41.63 2.39
C HIS B 305 -3.80 -43.02 2.04
N VAL B 306 -4.41 -44.06 2.61
CA VAL B 306 -3.96 -45.42 2.35
C VAL B 306 -4.17 -45.78 0.89
N ILE B 307 -5.34 -45.42 0.34
CA ILE B 307 -5.65 -45.77 -1.05
C ILE B 307 -4.66 -45.10 -2.00
N HIS B 308 -4.37 -43.83 -1.75
CA HIS B 308 -3.38 -43.14 -2.57
C HIS B 308 -2.02 -43.82 -2.46
N GLY B 309 -1.53 -44.00 -1.24
CA GLY B 309 -0.17 -44.47 -1.05
C GLY B 309 0.06 -45.86 -1.58
N GLY B 310 -0.90 -46.77 -1.36
CA GLY B 310 -0.71 -48.13 -1.80
C GLY B 310 -1.03 -48.41 -3.25
N ILE B 311 -1.53 -47.42 -3.99
CA ILE B 311 -2.01 -47.68 -5.34
C ILE B 311 -1.36 -46.76 -6.38
N VAL B 312 -1.48 -45.43 -6.19
CA VAL B 312 -1.33 -44.53 -7.33
C VAL B 312 0.10 -44.57 -7.88
N LEU B 313 1.10 -44.46 -7.01
CA LEU B 313 2.49 -44.44 -7.45
C LEU B 313 3.08 -45.82 -7.77
N PRO B 314 2.71 -46.90 -7.07
CA PRO B 314 3.26 -48.21 -7.45
C PRO B 314 2.99 -48.59 -8.90
N LEU B 315 1.82 -48.23 -9.45
CA LEU B 315 1.55 -48.53 -10.85
C LEU B 315 2.53 -47.80 -11.77
N ILE B 316 2.78 -46.53 -11.49
CA ILE B 316 3.73 -45.77 -12.29
C ILE B 316 5.13 -46.37 -12.17
N TYR B 317 5.49 -46.80 -10.96
CA TYR B 317 6.79 -47.45 -10.77
C TYR B 317 6.89 -48.73 -11.58
N PHE B 318 5.84 -49.54 -11.57
CA PHE B 318 5.86 -50.79 -12.33
C PHE B 318 5.85 -50.54 -13.83
N VAL B 319 5.30 -49.41 -14.27
CA VAL B 319 5.25 -49.10 -15.70
C VAL B 319 6.66 -49.03 -16.27
N PHE B 320 7.57 -48.35 -15.58
CA PHE B 320 8.91 -48.13 -16.10
C PHE B 320 9.97 -49.04 -15.46
N THR B 321 9.62 -49.79 -14.42
CA THR B 321 10.60 -50.63 -13.76
C THR B 321 10.62 -52.03 -14.35
N ARG B 322 9.45 -52.56 -14.74
CA ARG B 322 9.34 -53.90 -15.30
C ARG B 322 9.88 -54.96 -14.35
N LYS B 323 9.67 -54.75 -13.05
CA LYS B 323 10.16 -55.67 -12.03
C LYS B 323 9.13 -55.73 -10.91
N ASN B 324 9.51 -56.36 -9.80
CA ASN B 324 8.59 -56.59 -8.70
C ASN B 324 8.70 -55.46 -7.69
N PRO B 325 7.65 -54.67 -7.47
CA PRO B 325 7.68 -53.69 -6.38
C PRO B 325 7.69 -54.32 -5.00
N PHE B 326 7.29 -55.58 -4.88
CA PHE B 326 7.33 -56.25 -3.58
C PHE B 326 8.76 -56.38 -3.07
N ARG B 327 9.70 -56.69 -3.96
CA ARG B 327 11.11 -56.80 -3.58
C ARG B 327 11.67 -55.48 -3.09
N PHE B 328 11.03 -54.36 -3.43
CA PHE B 328 11.58 -53.05 -3.11
C PHE B 328 11.52 -52.76 -1.62
N LEU B 329 10.37 -52.99 -0.99
CA LEU B 329 10.13 -52.55 0.37
C LEU B 329 10.40 -53.63 1.42
N LEU B 330 10.85 -54.81 1.03
CA LEU B 330 11.10 -55.86 2.01
C LEU B 330 12.27 -55.54 2.92
N GLY B 331 13.30 -54.86 2.41
CA GLY B 331 14.43 -54.48 3.23
C GLY B 331 14.24 -53.13 3.90
N LEU B 332 13.11 -52.48 3.60
CA LEU B 332 12.82 -51.16 4.14
C LEU B 332 11.77 -51.18 5.25
N LEU B 333 11.45 -52.34 5.81
CA LEU B 333 10.36 -52.44 6.77
C LEU B 333 10.66 -51.65 8.05
N ALA B 334 11.92 -51.65 8.49
CA ALA B 334 12.26 -50.97 9.74
C ALA B 334 12.34 -49.45 9.56
N PRO B 335 12.94 -48.93 8.47
CA PRO B 335 12.88 -47.47 8.25
C PRO B 335 11.45 -46.96 8.15
N PHE B 336 10.56 -47.74 7.51
CA PHE B 336 9.16 -47.32 7.44
C PHE B 336 8.54 -47.28 8.83
N ALA B 337 8.83 -48.28 9.66
CA ALA B 337 8.28 -48.30 11.02
C ALA B 337 8.80 -47.13 11.84
N THR B 338 10.10 -46.81 11.74
CA THR B 338 10.64 -45.70 12.51
C THR B 338 10.14 -44.36 11.98
N ALA B 339 9.85 -44.27 10.68
CA ALA B 339 9.24 -43.06 10.15
C ALA B 339 7.81 -42.91 10.65
N PHE B 340 7.08 -44.01 10.74
CA PHE B 340 5.73 -43.98 11.32
C PHE B 340 5.75 -43.56 12.78
N ALA B 341 6.72 -44.07 13.54
CA ALA B 341 6.80 -43.79 14.96
C ALA B 341 7.33 -42.39 15.26
N THR B 342 8.21 -41.86 14.42
CA THR B 342 8.86 -40.59 14.74
C THR B 342 7.94 -39.39 14.56
N CYS B 343 6.87 -39.54 13.79
CA CYS B 343 5.91 -38.48 13.49
C CYS B 343 6.54 -37.29 12.78
N SER B 344 7.77 -37.44 12.27
CA SER B 344 8.45 -36.33 11.60
C SER B 344 9.42 -36.96 10.59
N SER B 345 9.02 -36.96 9.32
CA SER B 345 9.85 -37.58 8.28
C SER B 345 11.20 -36.90 8.11
N SER B 346 11.30 -35.62 8.47
CA SER B 346 12.58 -34.91 8.34
C SER B 346 13.64 -35.52 9.24
N ALA B 347 13.27 -35.94 10.45
CA ALA B 347 14.23 -36.54 11.38
C ALA B 347 14.79 -37.85 10.83
N THR B 348 13.93 -38.68 10.24
CA THR B 348 14.34 -39.98 9.73
C THR B 348 14.84 -39.92 8.30
N LEU B 349 15.30 -38.75 7.83
CA LEU B 349 15.83 -38.62 6.48
C LEU B 349 17.02 -39.52 6.20
N PRO B 350 18.06 -39.59 7.05
CA PRO B 350 19.19 -40.46 6.71
C PRO B 350 18.84 -41.93 6.63
N SER B 351 17.75 -42.36 7.27
CA SER B 351 17.41 -43.78 7.27
C SER B 351 17.07 -44.27 5.87
N MET B 352 16.36 -43.45 5.08
CA MET B 352 15.99 -43.84 3.73
C MET B 352 17.23 -44.17 2.91
N MET B 353 18.18 -43.24 2.87
CA MET B 353 19.39 -43.46 2.09
C MET B 353 20.22 -44.59 2.67
N LYS B 354 20.32 -44.67 4.00
CA LYS B 354 21.09 -45.73 4.64
C LYS B 354 20.58 -47.11 4.24
N CYS B 355 19.27 -47.27 4.09
CA CYS B 355 18.77 -48.59 3.72
C CYS B 355 18.85 -48.81 2.21
N ILE B 356 18.38 -47.84 1.42
CA ILE B 356 18.28 -48.06 -0.02
C ILE B 356 19.64 -48.00 -0.71
N GLU B 357 20.69 -47.61 0.02
CA GLU B 357 22.02 -47.58 -0.60
C GLU B 357 22.49 -48.99 -0.94
N GLU B 358 22.12 -49.98 -0.14
CA GLU B 358 22.49 -51.36 -0.39
C GLU B 358 21.30 -52.26 -0.68
N ASN B 359 20.12 -51.96 -0.15
CA ASN B 359 18.97 -52.81 -0.40
C ASN B 359 18.50 -52.70 -1.85
N ASN B 360 18.56 -51.51 -2.43
CA ASN B 360 18.11 -51.27 -3.79
C ASN B 360 19.27 -50.79 -4.64
N GLY B 361 19.20 -51.11 -5.93
CA GLY B 361 20.23 -50.70 -6.87
C GLY B 361 20.10 -49.25 -7.27
N VAL B 362 20.40 -48.35 -6.34
CA VAL B 362 20.27 -46.92 -6.57
C VAL B 362 21.63 -46.33 -6.88
N ASP B 363 21.62 -45.13 -7.45
CA ASP B 363 22.85 -44.42 -7.75
C ASP B 363 23.37 -43.70 -6.51
N LYS B 364 24.58 -43.17 -6.61
CA LYS B 364 25.20 -42.49 -5.49
C LYS B 364 24.96 -40.99 -5.52
N ARG B 365 25.00 -40.38 -6.70
CA ARG B 365 24.81 -38.93 -6.80
C ARG B 365 23.39 -38.54 -6.42
N ILE B 366 22.40 -39.10 -7.11
CA ILE B 366 21.01 -38.70 -6.91
C ILE B 366 20.56 -39.04 -5.48
N SER B 367 21.13 -40.07 -4.87
CA SER B 367 20.74 -40.46 -3.53
C SER B 367 20.99 -39.36 -2.51
N ARG B 368 21.96 -38.47 -2.76
CA ARG B 368 22.28 -37.39 -1.84
C ARG B 368 22.23 -36.03 -2.53
N PHE B 369 21.50 -35.90 -3.64
CA PHE B 369 21.50 -34.67 -4.41
C PHE B 369 20.13 -33.99 -4.42
N ILE B 370 19.08 -34.72 -4.79
CA ILE B 370 17.76 -34.14 -4.93
C ILE B 370 16.85 -34.48 -3.75
N LEU B 371 17.14 -35.54 -3.01
CA LEU B 371 16.27 -35.91 -1.89
C LEU B 371 16.14 -34.83 -0.82
N PRO B 372 17.21 -34.17 -0.35
CA PRO B 372 17.01 -33.08 0.63
C PRO B 372 16.12 -31.97 0.10
N ILE B 373 16.22 -31.65 -1.18
CA ILE B 373 15.38 -30.61 -1.77
C ILE B 373 13.92 -31.06 -1.87
N GLY B 374 13.70 -32.30 -2.30
CA GLY B 374 12.35 -32.80 -2.47
C GLY B 374 11.64 -33.16 -1.18
N ALA B 375 12.38 -33.27 -0.07
CA ALA B 375 11.75 -33.58 1.21
C ALA B 375 11.06 -32.38 1.83
N THR B 376 11.28 -31.18 1.28
CA THR B 376 10.68 -29.96 1.80
C THR B 376 9.60 -29.39 0.91
N VAL B 377 9.71 -29.53 -0.40
CA VAL B 377 8.75 -28.95 -1.33
C VAL B 377 7.60 -29.92 -1.63
N ASN B 378 7.91 -31.20 -1.76
CA ASN B 378 6.90 -32.20 -2.11
C ASN B 378 6.22 -32.70 -0.85
N MET B 379 4.99 -32.24 -0.62
CA MET B 379 4.14 -32.74 0.45
C MET B 379 2.95 -33.45 -0.20
N ASP B 380 2.66 -34.67 0.25
CA ASP B 380 1.63 -35.50 -0.35
C ASP B 380 0.38 -35.65 0.51
N GLY B 381 0.50 -36.21 1.70
CA GLY B 381 -0.66 -36.38 2.55
C GLY B 381 -1.19 -35.07 3.07
N ALA B 382 -0.33 -34.05 3.13
CA ALA B 382 -0.76 -32.73 3.57
C ALA B 382 -1.87 -32.18 2.70
N ALA B 383 -1.70 -32.24 1.37
CA ALA B 383 -2.73 -31.74 0.46
C ALA B 383 -4.05 -32.49 0.67
N ILE B 384 -3.97 -33.80 0.87
CA ILE B 384 -5.16 -34.57 1.23
C ILE B 384 -5.80 -33.98 2.47
N PHE B 385 -4.98 -33.63 3.46
CA PHE B 385 -5.49 -33.09 4.71
C PHE B 385 -6.25 -31.78 4.49
N GLN B 386 -5.65 -30.84 3.75
CA GLN B 386 -6.35 -29.58 3.53
C GLN B 386 -7.62 -29.79 2.71
N CYS B 387 -7.57 -30.68 1.71
CA CYS B 387 -8.74 -30.91 0.88
C CYS B 387 -9.90 -31.47 1.70
N VAL B 388 -9.62 -32.51 2.49
CA VAL B 388 -10.68 -33.13 3.28
C VAL B 388 -11.17 -32.21 4.38
N ALA B 389 -10.32 -31.31 4.87
CA ALA B 389 -10.79 -30.34 5.86
C ALA B 389 -11.68 -29.29 5.20
N ALA B 390 -11.26 -28.77 4.06
CA ALA B 390 -12.04 -27.73 3.39
C ALA B 390 -13.42 -28.24 3.01
N VAL B 391 -13.47 -29.44 2.43
CA VAL B 391 -14.77 -30.01 2.08
C VAL B 391 -15.58 -30.30 3.33
N PHE B 392 -14.90 -30.62 4.44
CA PHE B 392 -15.62 -30.93 5.67
C PHE B 392 -16.35 -29.72 6.21
N ILE B 393 -15.64 -28.59 6.35
CA ILE B 393 -16.33 -27.36 6.76
C ILE B 393 -17.35 -26.93 5.72
N ALA B 394 -17.08 -27.17 4.44
CA ALA B 394 -18.07 -26.83 3.42
C ALA B 394 -19.37 -27.60 3.63
N GLN B 395 -19.27 -28.89 3.97
CA GLN B 395 -20.45 -29.70 4.24
C GLN B 395 -21.12 -29.34 5.55
N LEU B 396 -20.35 -28.92 6.57
CA LEU B 396 -20.97 -28.43 7.80
C LEU B 396 -21.78 -27.17 7.55
N ASN B 397 -21.25 -26.25 6.73
CA ASN B 397 -21.93 -24.98 6.51
C ASN B 397 -22.98 -25.02 5.41
N ASN B 398 -23.05 -26.11 4.63
CA ASN B 398 -24.06 -26.28 3.59
C ASN B 398 -24.07 -25.10 2.63
N VAL B 399 -22.89 -24.74 2.12
CA VAL B 399 -22.76 -23.53 1.31
C VAL B 399 -23.20 -23.79 -0.12
N GLU B 400 -22.47 -24.64 -0.83
CA GLU B 400 -22.71 -24.88 -2.26
C GLU B 400 -21.73 -25.92 -2.75
N LEU B 401 -22.02 -26.47 -3.93
CA LEU B 401 -21.02 -27.26 -4.64
C LEU B 401 -20.11 -26.37 -5.47
N ASN B 402 -20.67 -25.67 -6.47
CA ASN B 402 -19.98 -24.64 -7.24
C ASN B 402 -18.63 -25.15 -7.77
N ALA B 403 -18.74 -26.06 -8.74
CA ALA B 403 -17.54 -26.65 -9.37
C ALA B 403 -16.48 -25.59 -9.71
N GLY B 404 -16.91 -24.37 -10.04
CA GLY B 404 -15.95 -23.29 -10.22
C GLY B 404 -15.12 -23.07 -8.98
N GLN B 405 -15.74 -23.12 -7.81
CA GLN B 405 -14.99 -23.05 -6.57
C GLN B 405 -14.20 -24.34 -6.30
N ILE B 406 -14.68 -25.46 -6.83
CA ILE B 406 -13.92 -26.70 -6.71
C ILE B 406 -12.58 -26.58 -7.41
N PHE B 407 -12.55 -25.91 -8.57
CA PHE B 407 -11.28 -25.69 -9.25
C PHE B 407 -10.37 -24.75 -8.45
N THR B 408 -10.93 -23.69 -7.88
CA THR B 408 -10.07 -22.71 -7.20
C THR B 408 -9.51 -23.28 -5.90
N ILE B 409 -10.31 -24.04 -5.15
CA ILE B 409 -9.79 -24.63 -3.92
C ILE B 409 -8.71 -25.65 -4.25
N LEU B 410 -8.90 -26.42 -5.31
CA LEU B 410 -7.91 -27.41 -5.73
C LEU B 410 -6.61 -26.74 -6.14
N VAL B 411 -6.70 -25.67 -6.95
CA VAL B 411 -5.48 -25.03 -7.42
C VAL B 411 -4.76 -24.32 -6.28
N THR B 412 -5.50 -23.72 -5.34
CA THR B 412 -4.85 -23.11 -4.19
C THR B 412 -4.16 -24.15 -3.32
N ALA B 413 -4.82 -25.31 -3.14
CA ALA B 413 -4.20 -26.38 -2.36
C ALA B 413 -2.92 -26.88 -3.03
N THR B 414 -2.94 -27.06 -4.35
CA THR B 414 -1.75 -27.50 -5.06
C THR B 414 -0.64 -26.47 -4.98
N ALA B 415 -0.97 -25.19 -5.17
CA ALA B 415 0.05 -24.15 -5.17
C ALA B 415 0.64 -23.92 -3.78
N SER B 416 -0.16 -24.11 -2.74
CA SER B 416 0.31 -23.92 -1.37
C SER B 416 1.12 -25.10 -0.86
N SER B 417 1.28 -26.15 -1.67
CA SER B 417 2.09 -27.29 -1.28
C SER B 417 3.58 -26.95 -1.23
N VAL B 418 3.95 -25.72 -1.56
CA VAL B 418 5.34 -25.27 -1.43
C VAL B 418 5.52 -24.41 -0.17
N GLY B 419 4.55 -24.42 0.74
CA GLY B 419 4.62 -23.58 1.92
C GLY B 419 5.28 -24.23 3.11
N ALA B 420 4.59 -24.20 4.26
CA ALA B 420 5.17 -24.75 5.48
C ALA B 420 5.29 -26.27 5.37
N ALA B 421 6.42 -26.80 5.85
CA ALA B 421 6.68 -28.23 5.78
C ALA B 421 7.70 -28.58 6.86
N GLY B 422 7.82 -29.88 7.12
CA GLY B 422 8.76 -30.38 8.10
C GLY B 422 8.19 -30.38 9.50
N VAL B 423 7.80 -29.20 9.99
CA VAL B 423 7.22 -29.10 11.33
C VAL B 423 5.85 -29.79 11.34
N PRO B 424 5.50 -30.54 12.38
CA PRO B 424 4.18 -31.15 12.44
C PRO B 424 3.07 -30.11 12.51
N ALA B 425 1.92 -30.44 11.92
CA ALA B 425 0.75 -29.57 11.90
C ALA B 425 1.05 -28.19 11.30
N GLY B 426 1.89 -28.15 10.27
CA GLY B 426 2.24 -26.91 9.63
C GLY B 426 1.20 -26.45 8.63
N GLY B 427 0.28 -27.35 8.28
CA GLY B 427 -0.72 -27.06 7.26
C GLY B 427 -1.89 -26.23 7.75
N VAL B 428 -1.90 -25.84 9.03
CA VAL B 428 -3.01 -25.05 9.56
C VAL B 428 -3.09 -23.70 8.86
N LEU B 429 -1.94 -23.09 8.57
CA LEU B 429 -1.95 -21.84 7.81
C LEU B 429 -2.43 -22.07 6.39
N THR B 430 -2.09 -23.21 5.79
CA THR B 430 -2.60 -23.54 4.47
C THR B 430 -4.12 -23.66 4.49
N ILE B 431 -4.68 -24.28 5.54
CA ILE B 431 -6.13 -24.34 5.66
C ILE B 431 -6.73 -22.95 5.82
N ALA B 432 -6.08 -22.12 6.65
CA ALA B 432 -6.61 -20.79 6.90
C ALA B 432 -6.65 -19.94 5.63
N ILE B 433 -5.57 -19.98 4.84
CA ILE B 433 -5.53 -19.13 3.66
C ILE B 433 -6.52 -19.60 2.61
N ILE B 434 -6.67 -20.91 2.43
CA ILE B 434 -7.64 -21.40 1.45
C ILE B 434 -9.07 -21.15 1.92
N LEU B 435 -9.33 -21.18 3.23
CA LEU B 435 -10.65 -20.79 3.71
C LEU B 435 -10.90 -19.31 3.47
N GLU B 436 -9.88 -18.47 3.68
CA GLU B 436 -10.03 -17.05 3.40
C GLU B 436 -10.28 -16.79 1.92
N ALA B 437 -9.69 -17.64 1.06
CA ALA B 437 -9.90 -17.50 -0.38
C ALA B 437 -11.37 -17.65 -0.77
N ILE B 438 -12.17 -18.34 0.03
CA ILE B 438 -13.60 -18.49 -0.24
C ILE B 438 -14.44 -17.63 0.69
N GLY B 439 -13.87 -17.05 1.73
CA GLY B 439 -14.61 -16.18 2.62
C GLY B 439 -15.51 -16.90 3.61
N LEU B 440 -15.12 -18.09 4.04
CA LEU B 440 -15.95 -18.81 5.00
C LEU B 440 -15.48 -18.50 6.42
N PRO B 441 -16.38 -18.53 7.41
CA PRO B 441 -15.97 -18.29 8.80
C PRO B 441 -15.07 -19.38 9.33
N THR B 442 -13.88 -19.00 9.79
CA THR B 442 -12.88 -19.95 10.28
C THR B 442 -13.05 -20.26 11.77
N HIS B 443 -14.24 -20.00 12.32
CA HIS B 443 -14.48 -20.19 13.74
C HIS B 443 -14.52 -21.68 14.12
N ASP B 444 -14.54 -22.55 13.11
CA ASP B 444 -14.60 -24.00 13.33
C ASP B 444 -13.23 -24.63 13.17
N LEU B 445 -12.18 -23.80 13.15
CA LEU B 445 -10.82 -24.30 13.00
C LEU B 445 -10.35 -25.25 14.10
N PRO B 446 -10.54 -24.96 15.40
CA PRO B 446 -9.87 -25.79 16.42
C PRO B 446 -10.19 -27.28 16.35
N LEU B 447 -11.44 -27.64 16.06
CA LEU B 447 -11.85 -29.04 16.10
C LEU B 447 -11.08 -29.91 15.12
N ILE B 448 -10.26 -29.31 14.25
CA ILE B 448 -9.52 -30.10 13.28
C ILE B 448 -8.15 -30.49 13.82
N LEU B 449 -7.57 -29.69 14.71
CA LEU B 449 -6.25 -30.04 15.24
C LEU B 449 -6.31 -30.64 16.63
N ALA B 450 -7.51 -30.98 17.12
CA ALA B 450 -7.60 -31.74 18.36
C ALA B 450 -7.29 -33.21 18.13
N VAL B 451 -7.27 -33.65 16.87
CA VAL B 451 -6.99 -35.04 16.52
C VAL B 451 -5.82 -35.18 15.56
N ASP B 452 -5.10 -34.10 15.28
CA ASP B 452 -4.02 -34.10 14.29
C ASP B 452 -2.89 -35.06 14.66
N TRP B 453 -2.83 -35.45 15.94
CA TRP B 453 -1.78 -36.34 16.43
C TRP B 453 -1.85 -37.74 15.82
N ILE B 454 -2.86 -38.02 15.00
CA ILE B 454 -2.96 -39.28 14.27
C ILE B 454 -2.79 -39.05 12.77
N VAL B 455 -3.40 -37.99 12.24
CA VAL B 455 -3.25 -37.68 10.83
C VAL B 455 -1.80 -37.34 10.51
N ASP B 456 -1.03 -36.88 11.50
CA ASP B 456 0.39 -36.63 11.27
C ASP B 456 1.12 -37.92 10.91
N ARG B 457 0.92 -38.98 11.71
CA ARG B 457 1.49 -40.28 11.36
C ARG B 457 0.92 -40.80 10.05
N THR B 458 -0.37 -40.58 9.81
CA THR B 458 -0.99 -41.06 8.58
C THR B 458 -0.38 -40.39 7.35
N THR B 459 -0.03 -39.11 7.45
CA THR B 459 0.39 -38.35 6.28
C THR B 459 1.90 -38.34 6.06
N THR B 460 2.70 -38.33 7.13
CA THR B 460 4.15 -38.26 6.93
C THR B 460 4.69 -39.50 6.24
N VAL B 461 4.14 -40.68 6.55
CA VAL B 461 4.65 -41.91 5.96
C VAL B 461 4.42 -41.91 4.45
N VAL B 462 3.22 -41.53 4.01
CA VAL B 462 2.96 -41.49 2.58
C VAL B 462 3.72 -40.35 1.93
N ASN B 463 3.91 -39.24 2.64
CA ASN B 463 4.67 -38.12 2.09
C ASN B 463 6.11 -38.53 1.80
N VAL B 464 6.74 -39.24 2.72
CA VAL B 464 8.11 -39.69 2.50
C VAL B 464 8.17 -40.83 1.47
N GLU B 465 7.18 -41.73 1.48
CA GLU B 465 7.17 -42.81 0.50
C GLU B 465 7.04 -42.27 -0.92
N GLY B 466 6.29 -41.19 -1.09
CA GLY B 466 6.14 -40.57 -2.39
C GLY B 466 7.46 -40.19 -3.03
N ASP B 467 8.21 -39.28 -2.41
CA ASP B 467 9.47 -38.86 -3.01
C ASP B 467 10.53 -39.95 -2.91
N ALA B 468 10.38 -40.91 -2.00
CA ALA B 468 11.29 -42.06 -2.00
C ALA B 468 11.14 -42.87 -3.27
N LEU B 469 9.90 -43.23 -3.62
CA LEU B 469 9.68 -43.97 -4.85
C LEU B 469 9.97 -43.10 -6.08
N GLY B 470 9.80 -41.78 -5.95
CA GLY B 470 10.20 -40.89 -7.03
C GLY B 470 11.69 -40.96 -7.29
N ALA B 471 12.49 -40.91 -6.22
CA ALA B 471 13.93 -41.08 -6.37
C ALA B 471 14.27 -42.44 -6.94
N GLY B 472 13.55 -43.48 -6.52
CA GLY B 472 13.78 -44.81 -7.07
C GLY B 472 13.51 -44.88 -8.56
N ILE B 473 12.39 -44.31 -9.01
CA ILE B 473 12.06 -44.38 -10.43
C ILE B 473 13.01 -43.50 -11.25
N LEU B 474 13.48 -42.37 -10.68
CA LEU B 474 14.51 -41.60 -11.36
C LEU B 474 15.80 -42.39 -11.47
N HIS B 475 16.16 -43.15 -10.43
CA HIS B 475 17.34 -43.99 -10.50
C HIS B 475 17.19 -45.03 -11.60
N HIS B 476 16.00 -45.64 -11.70
CA HIS B 476 15.75 -46.59 -12.78
C HIS B 476 15.85 -45.92 -14.14
N LEU B 477 15.34 -44.70 -14.27
CA LEU B 477 15.45 -43.98 -15.53
C LEU B 477 16.92 -43.74 -15.89
N ASN B 478 17.72 -43.33 -14.93
CA ASN B 478 19.15 -43.16 -15.15
C ASN B 478 19.85 -44.47 -15.49
N GLN B 479 19.34 -45.59 -14.97
CA GLN B 479 19.88 -46.89 -15.35
C GLN B 479 19.65 -47.17 -16.83
N LYS B 480 18.60 -46.59 -17.41
CA LYS B 480 18.32 -46.75 -18.82
C LYS B 480 19.07 -45.76 -19.70
N ALA B 481 19.85 -44.87 -19.10
CA ALA B 481 20.64 -43.87 -19.83
C ALA B 481 19.77 -43.03 -20.76
N ALA C 36 16.79 -18.16 -43.09
CA ALA C 36 16.70 -18.59 -41.70
C ALA C 36 17.14 -17.47 -40.77
N GLY C 37 18.16 -16.73 -41.17
CA GLY C 37 18.67 -15.63 -40.37
C GLY C 37 17.69 -14.47 -40.29
N PHE C 38 16.99 -14.21 -41.39
CA PHE C 38 15.96 -13.16 -41.40
C PHE C 38 14.73 -13.55 -40.61
N LEU C 39 14.57 -14.83 -40.27
CA LEU C 39 13.38 -15.27 -39.55
C LEU C 39 13.28 -14.63 -38.18
N ARG C 40 14.41 -14.51 -37.48
CA ARG C 40 14.44 -13.99 -36.12
C ARG C 40 14.81 -12.52 -36.05
N ARG C 41 14.89 -11.83 -37.19
CA ARG C 41 15.28 -10.42 -37.17
C ARG C 41 14.12 -9.52 -36.77
N GLN C 42 13.04 -9.53 -37.55
CA GLN C 42 11.88 -8.70 -37.27
C GLN C 42 10.60 -9.52 -37.31
N ALA C 43 10.62 -10.68 -36.66
CA ALA C 43 9.47 -11.58 -36.72
C ALA C 43 8.26 -11.05 -35.97
N LEU C 44 8.47 -10.33 -34.87
CA LEU C 44 7.34 -9.92 -34.04
C LEU C 44 6.41 -8.97 -34.79
N VAL C 45 6.99 -8.00 -35.52
CA VAL C 45 6.16 -7.06 -36.27
C VAL C 45 5.41 -7.77 -37.38
N LEU C 46 6.06 -8.72 -38.05
CA LEU C 46 5.39 -9.50 -39.08
C LEU C 46 4.23 -10.29 -38.49
N LEU C 47 4.43 -10.89 -37.32
CA LEU C 47 3.36 -11.63 -36.69
C LEU C 47 2.19 -10.72 -36.31
N THR C 48 2.50 -9.53 -35.79
CA THR C 48 1.43 -8.61 -35.41
C THR C 48 0.63 -8.16 -36.63
N VAL C 49 1.32 -7.80 -37.71
CA VAL C 49 0.59 -7.33 -38.89
C VAL C 49 -0.19 -8.48 -39.54
N SER C 50 0.38 -9.68 -39.56
CA SER C 50 -0.36 -10.83 -40.09
C SER C 50 -1.59 -11.11 -39.23
N GLY C 51 -1.46 -10.99 -37.92
CA GLY C 51 -2.60 -11.21 -37.05
C GLY C 51 -3.70 -10.18 -37.27
N VAL C 52 -3.32 -8.91 -37.40
CA VAL C 52 -4.34 -7.88 -37.57
C VAL C 52 -5.03 -8.01 -38.93
N LEU C 53 -4.27 -8.35 -39.97
CA LEU C 53 -4.92 -8.53 -41.28
C LEU C 53 -5.79 -9.79 -41.29
N ALA C 54 -5.39 -10.84 -40.56
CA ALA C 54 -6.22 -12.02 -40.45
C ALA C 54 -7.50 -11.72 -39.70
N GLY C 55 -7.42 -10.91 -38.63
CA GLY C 55 -8.62 -10.50 -37.93
C GLY C 55 -9.54 -9.67 -38.81
N ALA C 56 -8.97 -8.78 -39.62
CA ALA C 56 -9.77 -8.03 -40.57
C ALA C 56 -10.45 -8.96 -41.58
N GLY C 57 -9.72 -9.96 -42.07
CA GLY C 57 -10.32 -10.92 -43.00
C GLY C 57 -11.42 -11.74 -42.37
N LEU C 58 -11.25 -12.14 -41.11
CA LEU C 58 -12.31 -12.82 -40.38
C LEU C 58 -13.52 -11.94 -40.15
N GLY C 59 -13.31 -10.64 -39.89
CA GLY C 59 -14.42 -9.71 -39.90
C GLY C 59 -14.97 -9.43 -41.28
N ALA C 60 -14.18 -9.73 -42.32
CA ALA C 60 -14.62 -9.57 -43.70
C ALA C 60 -15.51 -10.71 -44.18
N ALA C 61 -15.97 -11.58 -43.28
CA ALA C 61 -16.91 -12.63 -43.64
C ALA C 61 -18.25 -12.01 -44.02
N LEU C 62 -19.23 -12.85 -44.36
CA LEU C 62 -20.56 -12.35 -44.69
C LEU C 62 -21.11 -11.54 -43.52
N ARG C 63 -22.02 -10.62 -43.84
CA ARG C 63 -22.23 -9.39 -43.07
C ARG C 63 -22.21 -9.55 -41.55
N GLY C 64 -23.18 -10.25 -40.97
CA GLY C 64 -23.13 -10.37 -39.53
C GLY C 64 -23.04 -11.76 -38.94
N LEU C 65 -23.76 -12.72 -39.52
CA LEU C 65 -23.81 -14.10 -39.03
C LEU C 65 -23.86 -14.18 -37.51
N SER C 66 -24.60 -13.27 -36.88
CA SER C 66 -24.52 -13.09 -35.43
C SER C 66 -25.89 -13.21 -34.78
N LEU C 67 -25.86 -13.69 -33.54
CA LEU C 67 -27.04 -13.73 -32.68
C LEU C 67 -27.05 -12.42 -31.87
N SER C 68 -27.87 -12.36 -30.84
CA SER C 68 -27.99 -11.16 -30.03
C SER C 68 -26.69 -10.91 -29.25
N ARG C 69 -26.71 -9.84 -28.44
CA ARG C 69 -25.53 -9.39 -27.72
C ARG C 69 -24.97 -10.47 -26.80
N THR C 70 -25.80 -11.44 -26.43
CA THR C 70 -25.36 -12.52 -25.55
C THR C 70 -24.19 -13.27 -26.18
N GLN C 71 -24.25 -13.47 -27.50
CA GLN C 71 -23.17 -14.15 -28.19
C GLN C 71 -22.01 -13.21 -28.50
N VAL C 72 -22.32 -11.95 -28.80
CA VAL C 72 -21.28 -11.00 -29.23
C VAL C 72 -20.36 -10.66 -28.06
N THR C 73 -20.93 -10.45 -26.87
CA THR C 73 -20.17 -9.95 -25.75
C THR C 73 -19.06 -10.92 -25.34
N TYR C 74 -19.37 -12.21 -25.27
CA TYR C 74 -18.37 -13.16 -24.81
C TYR C 74 -17.41 -13.57 -25.92
N LEU C 75 -17.61 -13.10 -27.15
CA LEU C 75 -16.69 -13.35 -28.24
C LEU C 75 -15.60 -12.29 -28.34
N ALA C 76 -15.61 -11.30 -27.46
CA ALA C 76 -14.57 -10.28 -27.40
C ALA C 76 -13.78 -10.33 -26.09
N PHE C 77 -13.77 -11.47 -25.41
CA PHE C 77 -13.16 -11.65 -24.11
C PHE C 77 -11.67 -11.31 -24.08
N PRO C 78 -10.84 -11.81 -25.01
CA PRO C 78 -9.40 -11.53 -24.91
C PRO C 78 -9.03 -10.07 -25.04
N GLY C 79 -9.87 -9.29 -25.73
CA GLY C 79 -9.63 -7.85 -25.83
C GLY C 79 -9.72 -7.19 -24.47
N GLU C 80 -10.78 -7.52 -23.72
CA GLU C 80 -10.87 -7.07 -22.34
C GLU C 80 -9.71 -7.61 -21.53
N MET C 81 -9.30 -8.86 -21.80
CA MET C 81 -8.12 -9.42 -21.16
C MET C 81 -6.86 -8.63 -21.48
N LEU C 82 -6.65 -8.24 -22.73
CA LEU C 82 -5.47 -7.45 -23.10
C LEU C 82 -5.48 -6.08 -22.44
N LEU C 83 -6.66 -5.43 -22.39
CA LEU C 83 -6.74 -4.15 -21.70
C LEU C 83 -6.47 -4.31 -20.20
N ARG C 84 -6.92 -5.42 -19.61
CA ARG C 84 -6.66 -5.66 -18.20
C ARG C 84 -5.17 -5.81 -17.93
N MET C 85 -4.47 -6.57 -18.76
CA MET C 85 -3.04 -6.74 -18.61
C MET C 85 -2.28 -5.45 -18.89
N LEU C 86 -2.81 -4.57 -19.74
CA LEU C 86 -2.17 -3.27 -19.93
C LEU C 86 -2.37 -2.38 -18.70
N ARG C 87 -3.56 -2.45 -18.09
CA ARG C 87 -3.81 -1.67 -16.88
C ARG C 87 -3.07 -2.25 -15.68
N MET C 88 -2.62 -3.51 -15.79
CA MET C 88 -1.85 -4.16 -14.72
C MET C 88 -0.78 -3.26 -14.14
N ILE C 89 0.14 -2.77 -14.98
CA ILE C 89 1.37 -2.14 -14.51
C ILE C 89 1.37 -0.64 -14.71
N ILE C 90 0.21 0.01 -14.76
CA ILE C 90 0.21 1.46 -14.90
C ILE C 90 0.75 2.13 -13.64
N LEU C 91 0.42 1.60 -12.47
CA LEU C 91 0.83 2.23 -11.21
C LEU C 91 2.32 2.06 -10.93
N PRO C 92 2.88 0.84 -10.86
CA PRO C 92 4.29 0.71 -10.47
C PRO C 92 5.24 1.46 -11.39
N LEU C 93 5.00 1.44 -12.69
CA LEU C 93 5.88 2.13 -13.63
C LEU C 93 5.87 3.63 -13.35
N VAL C 94 4.68 4.23 -13.27
CA VAL C 94 4.59 5.67 -13.11
C VAL C 94 5.10 6.10 -11.75
N VAL C 95 5.04 5.22 -10.75
CA VAL C 95 5.48 5.60 -9.41
C VAL C 95 6.97 5.35 -9.22
N CYS C 96 7.57 4.49 -10.03
CA CYS C 96 8.98 4.17 -9.82
C CYS C 96 9.90 4.85 -10.83
N SER C 97 9.60 4.70 -12.13
CA SER C 97 10.48 5.26 -13.15
C SER C 97 10.56 6.77 -13.07
N LEU C 98 9.45 7.43 -12.78
CA LEU C 98 9.47 8.89 -12.66
C LEU C 98 10.38 9.34 -11.53
N VAL C 99 10.28 8.68 -10.37
CA VAL C 99 11.14 9.03 -9.25
C VAL C 99 12.60 8.76 -9.58
N SER C 100 12.88 7.62 -10.22
CA SER C 100 14.25 7.30 -10.58
C SER C 100 14.83 8.33 -11.55
N GLY C 101 14.04 8.76 -12.53
CA GLY C 101 14.47 9.79 -13.46
C GLY C 101 14.70 11.12 -12.80
N ALA C 102 13.80 11.50 -11.89
CA ALA C 102 13.97 12.75 -11.15
C ALA C 102 15.15 12.72 -10.21
N ALA C 103 15.59 11.54 -9.78
CA ALA C 103 16.77 11.45 -8.92
C ALA C 103 18.04 11.88 -9.63
N SER C 104 18.18 11.55 -10.91
CA SER C 104 19.37 11.90 -11.68
C SER C 104 19.30 13.31 -12.26
N LEU C 105 18.17 13.99 -12.13
CA LEU C 105 18.01 15.34 -12.65
C LEU C 105 18.79 16.33 -11.80
N ASP C 106 19.11 17.47 -12.42
CA ASP C 106 19.83 18.56 -11.76
C ASP C 106 21.21 18.08 -11.25
N ALA C 107 22.06 17.75 -12.22
CA ALA C 107 23.39 17.25 -11.92
C ALA C 107 24.29 18.35 -11.39
N SER C 108 24.00 18.81 -10.16
CA SER C 108 24.79 19.81 -9.45
C SER C 108 24.83 21.16 -10.16
N CYS C 109 24.01 21.33 -11.21
CA CYS C 109 23.99 22.56 -11.99
C CYS C 109 25.39 22.94 -12.45
N LEU C 110 26.12 21.94 -12.97
CA LEU C 110 27.49 22.18 -13.40
C LEU C 110 27.56 23.21 -14.52
N GLY C 111 26.52 23.28 -15.35
CA GLY C 111 26.41 24.34 -16.32
C GLY C 111 25.38 25.36 -15.90
N ARG C 112 25.84 26.52 -15.42
CA ARG C 112 24.90 27.54 -14.94
C ARG C 112 24.01 28.05 -16.05
N LEU C 113 24.47 27.96 -17.31
CA LEU C 113 23.67 28.31 -18.46
C LEU C 113 22.89 27.11 -19.01
N GLY C 114 22.94 25.97 -18.32
CA GLY C 114 22.26 24.77 -18.78
C GLY C 114 20.80 24.73 -18.44
N GLY C 115 20.42 25.32 -17.30
CA GLY C 115 19.01 25.38 -16.95
C GLY C 115 18.19 26.18 -17.94
N ILE C 116 18.83 27.12 -18.63
CA ILE C 116 18.18 27.85 -19.71
C ILE C 116 17.73 26.88 -20.79
N ALA C 117 18.57 25.89 -21.11
CA ALA C 117 18.18 24.88 -22.08
C ALA C 117 17.00 24.04 -21.58
N VAL C 118 16.97 23.72 -20.29
CA VAL C 118 15.85 22.97 -19.74
C VAL C 118 14.56 23.76 -19.87
N ALA C 119 14.61 25.05 -19.52
CA ALA C 119 13.43 25.90 -19.68
C ALA C 119 13.03 26.02 -21.15
N TYR C 120 14.01 26.08 -22.06
CA TYR C 120 13.72 26.13 -23.49
C TYR C 120 12.99 24.88 -23.94
N PHE C 121 13.47 23.71 -23.49
CA PHE C 121 12.80 22.46 -23.84
C PHE C 121 11.38 22.43 -23.30
N GLY C 122 11.20 22.84 -22.05
CA GLY C 122 9.87 22.87 -21.47
C GLY C 122 8.93 23.77 -22.24
N LEU C 123 9.38 24.99 -22.57
CA LEU C 123 8.51 25.93 -23.25
C LEU C 123 8.21 25.48 -24.68
N THR C 124 9.18 24.90 -25.37
CA THR C 124 8.92 24.46 -26.74
C THR C 124 7.97 23.26 -26.74
N THR C 125 8.10 22.36 -25.77
CA THR C 125 7.13 21.27 -25.66
C THR C 125 5.75 21.80 -25.36
N LEU C 126 5.66 22.79 -24.46
CA LEU C 126 4.37 23.38 -24.13
C LEU C 126 3.73 24.02 -25.36
N SER C 127 4.50 24.80 -26.11
CA SER C 127 3.97 25.44 -27.31
C SER C 127 3.57 24.42 -28.34
N ALA C 128 4.36 23.35 -28.50
CA ALA C 128 4.02 22.30 -29.44
C ALA C 128 2.68 21.67 -29.09
N SER C 129 2.50 21.31 -27.82
CA SER C 129 1.24 20.70 -27.39
C SER C 129 0.08 21.66 -27.61
N ALA C 130 0.26 22.93 -27.27
CA ALA C 130 -0.82 23.91 -27.42
C ALA C 130 -1.23 24.06 -28.87
N LEU C 131 -0.25 24.24 -29.77
CA LEU C 131 -0.59 24.41 -31.17
C LEU C 131 -1.21 23.13 -31.75
N ALA C 132 -0.72 21.97 -31.32
CA ALA C 132 -1.27 20.71 -31.82
C ALA C 132 -2.73 20.56 -31.43
N VAL C 133 -3.04 20.80 -30.14
CA VAL C 133 -4.42 20.62 -29.71
C VAL C 133 -5.32 21.69 -30.34
N ALA C 134 -4.82 22.91 -30.51
CA ALA C 134 -5.62 23.95 -31.14
C ALA C 134 -5.95 23.59 -32.59
N LEU C 135 -4.94 23.15 -33.35
CA LEU C 135 -5.18 22.77 -34.74
C LEU C 135 -6.10 21.57 -34.83
N ALA C 136 -5.94 20.59 -33.94
CA ALA C 136 -6.82 19.42 -33.96
C ALA C 136 -8.26 19.83 -33.68
N PHE C 137 -8.47 20.72 -32.71
CA PHE C 137 -9.81 21.20 -32.44
C PHE C 137 -10.37 21.99 -33.61
N ILE C 138 -9.51 22.71 -34.33
CA ILE C 138 -9.96 23.46 -35.50
C ILE C 138 -10.42 22.52 -36.61
N ILE C 139 -9.62 21.49 -36.91
CA ILE C 139 -9.95 20.58 -38.00
C ILE C 139 -11.06 19.60 -37.63
N LYS C 140 -11.18 19.25 -36.34
CA LYS C 140 -12.21 18.34 -35.83
C LYS C 140 -12.16 16.98 -36.52
N PRO C 141 -11.12 16.17 -36.30
CA PRO C 141 -11.09 14.83 -36.89
C PRO C 141 -11.91 13.84 -36.09
N GLY C 142 -12.67 12.98 -36.77
CA GLY C 142 -13.44 11.93 -36.14
C GLY C 142 -14.82 12.36 -35.69
N SER C 143 -15.16 13.64 -35.87
CA SER C 143 -16.47 14.15 -35.47
C SER C 143 -17.50 14.07 -36.58
N GLY C 144 -17.16 13.48 -37.72
CA GLY C 144 -18.08 13.38 -38.83
C GLY C 144 -19.32 12.57 -38.52
N ALA C 145 -19.13 11.43 -37.87
CA ALA C 145 -20.25 10.56 -37.51
C ALA C 145 -20.33 10.37 -36.00
N PRO C 164 -26.60 18.97 -14.45
CA PRO C 164 -25.45 18.11 -14.71
C PRO C 164 -24.25 18.87 -15.27
N LYS C 165 -24.49 20.05 -15.82
CA LYS C 165 -23.41 20.87 -16.37
C LYS C 165 -22.59 21.48 -15.24
N GLU C 166 -21.35 21.83 -15.57
CA GLU C 166 -20.41 22.39 -14.60
C GLU C 166 -20.06 23.82 -14.97
N THR C 167 -19.97 24.68 -13.96
CA THR C 167 -19.60 26.07 -14.16
C THR C 167 -18.09 26.19 -14.38
N VAL C 168 -17.67 27.37 -14.83
CA VAL C 168 -16.26 27.61 -15.13
C VAL C 168 -15.39 27.70 -13.88
N ASP C 169 -15.98 27.62 -12.69
CA ASP C 169 -15.24 27.71 -11.44
C ASP C 169 -14.71 26.35 -10.97
N SER C 170 -14.63 25.37 -11.86
CA SER C 170 -14.16 24.04 -11.48
C SER C 170 -12.64 23.95 -11.40
N PHE C 171 -11.91 24.99 -11.79
CA PHE C 171 -10.46 24.92 -11.81
C PHE C 171 -9.91 24.60 -10.43
N LEU C 172 -10.47 25.21 -9.38
CA LEU C 172 -10.01 24.93 -8.03
C LEU C 172 -10.10 23.45 -7.69
N ASP C 173 -11.09 22.75 -8.25
CA ASP C 173 -11.19 21.32 -8.03
C ASP C 173 -9.92 20.61 -8.48
N LEU C 174 -9.41 20.99 -9.65
CA LEU C 174 -8.11 20.47 -10.09
C LEU C 174 -7.05 20.72 -9.03
N ALA C 175 -6.98 21.96 -8.52
CA ALA C 175 -6.04 22.27 -7.45
C ALA C 175 -6.28 21.40 -6.24
N ARG C 176 -7.54 21.08 -5.94
CA ARG C 176 -7.82 20.21 -4.82
C ARG C 176 -7.38 18.78 -5.12
N ASN C 177 -7.51 18.37 -6.38
CA ASN C 177 -7.01 17.06 -6.77
C ASN C 177 -5.50 17.06 -6.96
N LEU C 178 -4.89 18.25 -7.03
CA LEU C 178 -3.43 18.34 -7.06
C LEU C 178 -2.80 17.78 -5.79
N PHE C 179 -3.53 17.84 -4.67
CA PHE C 179 -2.99 17.38 -3.39
C PHE C 179 -3.99 16.45 -2.72
N PRO C 180 -3.79 15.14 -2.78
CA PRO C 180 -4.73 14.21 -2.11
C PRO C 180 -4.61 14.27 -0.60
N SER C 181 -5.69 13.85 0.05
CA SER C 181 -5.69 13.80 1.52
C SER C 181 -4.66 12.80 2.03
N ASN C 182 -4.67 11.60 1.47
CA ASN C 182 -3.68 10.58 1.81
C ASN C 182 -3.39 9.74 0.57
N LEU C 183 -2.23 9.10 0.56
CA LEU C 183 -1.79 8.40 -0.64
C LEU C 183 -2.69 7.22 -0.96
N VAL C 184 -3.13 6.48 0.05
CA VAL C 184 -3.92 5.28 -0.18
C VAL C 184 -5.24 5.59 -0.85
N VAL C 185 -5.94 6.65 -0.42
CA VAL C 185 -7.20 7.01 -1.04
C VAL C 185 -7.00 7.42 -2.49
N ALA C 186 -5.89 8.08 -2.81
CA ALA C 186 -5.61 8.58 -4.15
C ALA C 186 -5.32 7.47 -5.15
N ALA C 187 -5.46 6.20 -4.79
CA ALA C 187 -5.17 5.11 -5.72
C ALA C 187 -6.37 4.67 -6.54
N PHE C 188 -7.59 4.93 -6.08
CA PHE C 188 -8.78 4.48 -6.81
C PHE C 188 -9.89 5.51 -6.94
N ARG C 189 -9.97 6.52 -6.08
CA ARG C 189 -11.05 7.50 -6.19
C ARG C 189 -10.53 8.86 -5.76
N THR C 190 -11.18 9.91 -6.26
CA THR C 190 -10.75 11.29 -6.06
C THR C 190 -11.94 12.16 -5.73
N TYR C 191 -11.70 13.46 -5.71
CA TYR C 191 -12.63 14.49 -5.28
C TYR C 191 -13.24 15.21 -6.47
N ALA C 192 -14.54 15.52 -6.37
CA ALA C 192 -15.18 16.34 -7.39
C ALA C 192 -16.41 17.03 -6.82
N THR C 193 -16.58 18.31 -7.11
CA THR C 193 -17.69 19.08 -6.57
C THR C 193 -18.95 18.89 -7.41
N ASP C 194 -20.09 19.16 -6.79
CA ASP C 194 -21.38 19.12 -7.46
C ASP C 194 -22.27 20.17 -6.84
N TYR C 195 -23.16 20.74 -7.64
CA TYR C 195 -24.06 21.79 -7.19
C TYR C 195 -25.40 21.21 -6.81
N LYS C 196 -25.88 21.54 -5.62
CA LYS C 196 -27.22 21.16 -5.20
C LYS C 196 -27.90 22.36 -4.56
N VAL C 197 -29.23 22.31 -4.52
CA VAL C 197 -30.05 23.38 -3.96
C VAL C 197 -30.45 23.00 -2.55
N VAL C 198 -30.31 23.95 -1.63
CA VAL C 198 -30.67 23.74 -0.24
C VAL C 198 -31.93 24.52 0.15
N THR C 199 -32.29 25.55 -0.61
CA THR C 199 -33.43 26.43 -0.30
C THR C 199 -33.28 27.03 1.10
N GLN C 200 -32.05 27.39 1.46
CA GLN C 200 -31.75 28.07 2.71
C GLN C 200 -31.90 29.58 2.61
N ASN C 201 -31.39 30.19 1.52
CA ASN C 201 -31.64 31.59 1.23
C ASN C 201 -32.85 31.79 0.33
N SER C 202 -33.47 30.69 -0.14
CA SER C 202 -34.68 30.81 -0.95
C SER C 202 -35.85 31.32 -0.13
N SER C 203 -35.76 31.24 1.20
CA SER C 203 -36.85 31.70 2.04
C SER C 203 -37.04 33.21 1.94
N SER C 204 -35.97 33.94 1.60
CA SER C 204 -36.01 35.39 1.57
C SER C 204 -35.86 35.97 0.17
N GLY C 205 -34.76 35.67 -0.52
CA GLY C 205 -34.52 36.30 -1.81
C GLY C 205 -33.87 35.44 -2.88
N ASN C 206 -33.59 34.17 -2.57
CA ASN C 206 -32.89 33.28 -3.48
C ASN C 206 -33.76 32.11 -3.92
N VAL C 207 -35.01 32.40 -4.29
CA VAL C 207 -35.99 31.35 -4.54
C VAL C 207 -35.53 30.47 -5.71
N THR C 208 -35.85 29.17 -5.61
CA THR C 208 -35.71 28.16 -6.66
C THR C 208 -34.26 27.91 -7.08
N HIS C 209 -33.27 28.53 -6.45
CA HIS C 209 -31.90 28.35 -6.88
C HIS C 209 -30.89 28.68 -5.78
N GLU C 210 -30.08 27.69 -5.40
CA GLU C 210 -28.99 27.95 -4.46
C GLU C 210 -27.62 27.75 -5.08
N LYS C 211 -27.46 26.73 -5.94
CA LYS C 211 -26.18 26.36 -6.53
C LYS C 211 -25.09 26.19 -5.47
N ILE C 212 -25.43 25.53 -4.37
CA ILE C 212 -24.47 25.28 -3.30
C ILE C 212 -23.52 24.19 -3.75
N PRO C 213 -22.21 24.46 -3.81
CA PRO C 213 -21.26 23.42 -4.22
C PRO C 213 -20.74 22.60 -3.06
N ILE C 214 -20.84 21.27 -3.17
CA ILE C 214 -20.28 20.36 -2.18
C ILE C 214 -19.57 19.23 -2.92
N GLY C 215 -18.41 18.83 -2.42
CA GLY C 215 -17.59 17.85 -3.07
C GLY C 215 -17.84 16.45 -2.56
N THR C 216 -17.88 15.49 -3.49
CA THR C 216 -18.05 14.09 -3.19
C THR C 216 -16.90 13.28 -3.78
N GLU C 217 -16.88 11.99 -3.45
CA GLU C 217 -15.85 11.09 -3.93
C GLU C 217 -16.35 10.29 -5.13
N ILE C 218 -15.53 10.27 -6.18
CA ILE C 218 -15.86 9.57 -7.42
C ILE C 218 -14.68 8.70 -7.82
N GLU C 219 -14.98 7.48 -8.26
CA GLU C 219 -13.96 6.50 -8.58
C GLU C 219 -13.05 7.00 -9.70
N GLY C 220 -11.91 6.34 -9.85
CA GLY C 220 -10.88 6.76 -10.77
C GLY C 220 -9.75 7.46 -10.06
N MET C 221 -8.51 7.00 -10.29
CA MET C 221 -7.38 7.56 -9.58
C MET C 221 -6.99 8.90 -10.19
N ASN C 222 -6.00 9.55 -9.58
CA ASN C 222 -5.47 10.83 -10.05
C ASN C 222 -3.96 10.71 -10.26
N ILE C 223 -3.57 10.37 -11.49
CA ILE C 223 -2.16 10.39 -11.83
C ILE C 223 -1.58 11.78 -11.67
N LEU C 224 -2.37 12.81 -11.98
CA LEU C 224 -1.98 14.19 -11.71
C LEU C 224 -1.74 14.39 -10.22
N GLY C 225 -2.54 13.75 -9.38
CA GLY C 225 -2.41 13.91 -7.95
C GLY C 225 -1.26 13.14 -7.35
N LEU C 226 -0.48 12.46 -8.19
CA LEU C 226 0.61 11.61 -7.74
C LEU C 226 1.97 12.02 -8.29
N VAL C 227 2.00 12.61 -9.49
CA VAL C 227 3.27 12.89 -10.15
C VAL C 227 4.05 13.97 -9.40
N LEU C 228 3.34 14.99 -8.91
CA LEU C 228 4.02 16.05 -8.16
C LEU C 228 4.60 15.52 -6.86
N PHE C 229 3.87 14.66 -6.16
CA PHE C 229 4.39 14.05 -4.94
C PHE C 229 5.61 13.18 -5.26
N ALA C 230 5.54 12.44 -6.37
CA ALA C 230 6.68 11.62 -6.77
C ALA C 230 7.91 12.47 -7.05
N LEU C 231 7.72 13.60 -7.75
CA LEU C 231 8.85 14.49 -8.04
C LEU C 231 9.43 15.10 -6.77
N VAL C 232 8.55 15.50 -5.84
CA VAL C 232 9.02 16.07 -4.59
C VAL C 232 9.84 15.05 -3.81
N LEU C 233 9.34 13.82 -3.73
CA LEU C 233 10.09 12.77 -3.05
C LEU C 233 11.41 12.50 -3.77
N GLY C 234 11.40 12.56 -5.10
CA GLY C 234 12.60 12.30 -5.86
C GLY C 234 13.69 13.32 -5.60
N VAL C 235 13.34 14.60 -5.56
CA VAL C 235 14.34 15.60 -5.23
C VAL C 235 14.72 15.50 -3.76
N ALA C 236 13.80 15.04 -2.92
CA ALA C 236 14.07 14.96 -1.49
C ALA C 236 15.11 13.90 -1.16
N LEU C 237 14.97 12.69 -1.71
CA LEU C 237 15.91 11.67 -1.28
C LEU C 237 17.29 11.85 -1.90
N LYS C 238 17.45 12.81 -2.80
CA LYS C 238 18.74 13.15 -3.37
C LYS C 238 19.37 14.37 -2.71
N LYS C 239 18.55 15.32 -2.25
CA LYS C 239 19.11 16.55 -1.71
C LYS C 239 19.85 16.34 -0.39
N LEU C 240 19.38 15.41 0.45
CA LEU C 240 19.95 15.30 1.80
C LEU C 240 21.37 14.74 1.77
N GLY C 241 21.78 14.06 0.70
CA GLY C 241 23.12 13.56 0.58
C GLY C 241 23.16 12.07 0.29
N SER C 242 24.38 11.54 0.30
CA SER C 242 24.61 10.14 -0.07
C SER C 242 24.10 9.17 1.00
N GLU C 243 23.76 9.67 2.19
CA GLU C 243 23.27 8.79 3.24
C GLU C 243 21.94 8.14 2.89
N GLY C 244 21.13 8.77 2.06
CA GLY C 244 19.91 8.17 1.57
C GLY C 244 20.09 7.65 0.16
N GLU C 245 21.35 7.50 -0.26
CA GLU C 245 21.66 7.09 -1.62
C GLU C 245 21.13 5.69 -1.91
N ASP C 246 21.19 4.80 -0.92
CA ASP C 246 20.79 3.41 -1.12
C ASP C 246 19.37 3.31 -1.65
N LEU C 247 18.48 4.18 -1.16
CA LEU C 247 17.09 4.16 -1.62
C LEU C 247 17.02 4.35 -3.14
N ILE C 248 17.84 5.25 -3.68
CA ILE C 248 17.90 5.40 -5.13
C ILE C 248 18.29 4.08 -5.78
N ARG C 249 19.35 3.45 -5.26
CA ARG C 249 19.78 2.16 -5.79
C ARG C 249 18.67 1.12 -5.66
N PHE C 250 17.73 1.35 -4.76
CA PHE C 250 16.52 0.54 -4.73
C PHE C 250 15.63 0.84 -5.93
N PHE C 251 15.18 2.10 -6.04
CA PHE C 251 14.16 2.44 -7.03
C PHE C 251 14.66 2.20 -8.45
N ASN C 252 15.88 2.61 -8.75
CA ASN C 252 16.41 2.48 -10.10
C ASN C 252 16.60 1.02 -10.48
N SER C 253 16.34 0.10 -9.54
CA SER C 253 16.30 -1.31 -9.86
C SER C 253 14.90 -1.75 -10.28
N LEU C 254 13.89 -1.32 -9.52
CA LEU C 254 12.54 -1.85 -9.72
C LEU C 254 12.03 -1.60 -11.14
N ASN C 255 12.32 -0.42 -11.69
CA ASN C 255 11.93 -0.14 -13.06
C ASN C 255 12.52 -1.19 -14.01
N GLU C 256 13.82 -1.45 -13.88
CA GLU C 256 14.43 -2.49 -14.69
C GLU C 256 13.82 -3.85 -14.40
N ALA C 257 13.34 -4.05 -13.17
CA ALA C 257 12.63 -5.28 -12.84
C ALA C 257 11.21 -5.30 -13.39
N THR C 258 10.58 -4.15 -13.57
CA THR C 258 9.19 -4.14 -13.98
C THR C 258 9.00 -3.87 -15.46
N MET C 259 10.02 -3.35 -16.14
CA MET C 259 9.88 -3.11 -17.57
C MET C 259 9.99 -4.41 -18.36
N VAL C 260 10.87 -5.31 -17.94
CA VAL C 260 11.13 -6.52 -18.73
C VAL C 260 9.83 -7.29 -18.98
N LEU C 261 8.98 -7.40 -17.97
CA LEU C 261 7.77 -8.21 -18.10
C LEU C 261 6.87 -7.71 -19.21
N VAL C 262 6.83 -6.39 -19.46
CA VAL C 262 5.88 -5.93 -20.47
C VAL C 262 6.31 -6.43 -21.85
N SER C 263 7.60 -6.72 -22.01
CA SER C 263 8.06 -7.33 -23.26
C SER C 263 7.34 -8.65 -23.50
N TRP C 264 7.20 -9.45 -22.45
CA TRP C 264 6.41 -10.67 -22.55
C TRP C 264 4.97 -10.38 -22.96
N ILE C 265 4.42 -9.28 -22.45
CA ILE C 265 3.08 -8.87 -22.84
C ILE C 265 3.03 -8.65 -24.35
N MET C 266 4.10 -8.10 -24.92
CA MET C 266 4.18 -7.92 -26.36
C MET C 266 3.96 -9.24 -27.08
N TRP C 267 4.50 -10.33 -26.53
CA TRP C 267 4.37 -11.63 -27.17
C TRP C 267 2.92 -12.07 -27.29
N TYR C 268 2.02 -11.49 -26.50
CA TYR C 268 0.59 -11.81 -26.59
C TYR C 268 -0.19 -10.84 -27.46
N VAL C 269 0.37 -9.67 -27.77
CA VAL C 269 -0.35 -8.63 -28.49
C VAL C 269 -0.89 -9.10 -29.84
N PRO C 270 -0.10 -9.77 -30.69
CA PRO C 270 -0.67 -10.19 -31.99
C PRO C 270 -1.85 -11.12 -31.87
N VAL C 271 -1.90 -11.95 -30.83
CA VAL C 271 -3.03 -12.87 -30.67
C VAL C 271 -4.31 -12.11 -30.35
N GLY C 272 -4.25 -11.18 -29.40
CA GLY C 272 -5.44 -10.48 -28.94
C GLY C 272 -6.07 -9.55 -29.95
N ILE C 273 -5.24 -8.82 -30.70
CA ILE C 273 -5.75 -7.74 -31.54
C ILE C 273 -6.75 -8.26 -32.55
N MET C 274 -6.44 -9.37 -33.22
CA MET C 274 -7.33 -9.89 -34.26
C MET C 274 -8.70 -10.22 -33.70
N PHE C 275 -8.81 -10.43 -32.39
CA PHE C 275 -10.11 -10.71 -31.81
C PHE C 275 -10.99 -9.47 -31.78
N LEU C 276 -10.46 -8.31 -31.39
CA LEU C 276 -11.34 -7.18 -31.16
C LEU C 276 -11.43 -6.22 -32.35
N VAL C 277 -10.49 -6.27 -33.28
CA VAL C 277 -10.61 -5.47 -34.49
C VAL C 277 -11.83 -5.91 -35.30
N GLY C 278 -11.92 -7.22 -35.58
CA GLY C 278 -13.11 -7.73 -36.25
C GLY C 278 -14.36 -7.53 -35.42
N SER C 279 -14.24 -7.74 -34.10
CA SER C 279 -15.37 -7.51 -33.21
C SER C 279 -15.83 -6.07 -33.25
N LYS C 280 -14.97 -5.16 -33.75
CA LYS C 280 -15.39 -3.77 -33.87
C LYS C 280 -16.06 -3.51 -35.21
N ILE C 281 -15.69 -4.26 -36.26
CA ILE C 281 -16.17 -3.93 -37.61
C ILE C 281 -17.41 -4.72 -38.02
N VAL C 282 -17.74 -5.79 -37.30
CA VAL C 282 -18.90 -6.60 -37.70
C VAL C 282 -20.19 -5.80 -37.54
N GLU C 283 -20.33 -5.08 -36.42
CA GLU C 283 -21.59 -4.42 -36.10
C GLU C 283 -21.71 -3.02 -36.68
N MET C 284 -20.60 -2.38 -37.06
CA MET C 284 -20.65 -1.07 -37.70
C MET C 284 -21.19 -1.10 -39.11
N LYS C 285 -20.79 -2.08 -39.93
CA LYS C 285 -21.21 -2.26 -41.32
C LYS C 285 -20.79 -1.10 -42.22
N ASP C 286 -20.03 -0.14 -41.71
CA ASP C 286 -19.59 1.01 -42.49
C ASP C 286 -18.06 1.05 -42.49
N ILE C 287 -17.48 1.27 -43.68
CA ILE C 287 -16.05 1.27 -43.85
C ILE C 287 -15.53 2.65 -44.27
N ILE C 288 -16.37 3.44 -44.94
CA ILE C 288 -15.93 4.74 -45.43
C ILE C 288 -15.64 5.69 -44.27
N VAL C 289 -16.48 5.67 -43.24
CA VAL C 289 -16.33 6.62 -42.13
C VAL C 289 -14.99 6.42 -41.44
N LEU C 290 -14.65 5.17 -41.14
CA LEU C 290 -13.42 4.88 -40.41
C LEU C 290 -12.19 5.32 -41.19
N VAL C 291 -12.14 4.96 -42.48
CA VAL C 291 -10.96 5.27 -43.27
C VAL C 291 -10.85 6.77 -43.50
N THR C 292 -11.98 7.45 -43.71
CA THR C 292 -11.93 8.91 -43.88
C THR C 292 -11.47 9.59 -42.61
N SER C 293 -11.97 9.15 -41.46
CA SER C 293 -11.54 9.73 -40.19
C SER C 293 -10.06 9.50 -39.95
N LEU C 294 -9.58 8.29 -40.23
CA LEU C 294 -8.16 7.98 -40.03
C LEU C 294 -7.29 8.82 -40.96
N GLY C 295 -7.70 8.96 -42.23
CA GLY C 295 -6.93 9.77 -43.14
C GLY C 295 -6.89 11.23 -42.73
N LYS C 296 -8.02 11.76 -42.28
CA LYS C 296 -8.05 13.14 -41.78
C LYS C 296 -7.14 13.30 -40.58
N TYR C 297 -7.16 12.33 -39.67
CA TYR C 297 -6.31 12.37 -38.49
C TYR C 297 -4.83 12.39 -38.88
N ILE C 298 -4.45 11.51 -39.80
CA ILE C 298 -3.05 11.44 -40.23
C ILE C 298 -2.64 12.74 -40.90
N PHE C 299 -3.50 13.27 -41.77
CA PHE C 299 -3.18 14.51 -42.47
C PHE C 299 -3.01 15.66 -41.47
N ALA C 300 -3.91 15.75 -40.49
CA ALA C 300 -3.80 16.79 -39.48
C ALA C 300 -2.51 16.66 -38.69
N SER C 301 -2.16 15.43 -38.29
CA SER C 301 -0.96 15.23 -37.49
C SER C 301 0.29 15.62 -38.28
N ILE C 302 0.37 15.19 -39.54
CA ILE C 302 1.57 15.50 -40.32
C ILE C 302 1.65 16.99 -40.62
N LEU C 303 0.51 17.63 -40.88
CA LEU C 303 0.50 19.07 -41.09
C LEU C 303 0.96 19.80 -39.85
N GLY C 304 0.51 19.38 -38.68
CA GLY C 304 0.96 20.00 -37.45
C GLY C 304 2.44 19.82 -37.22
N HIS C 305 2.96 18.61 -37.47
CA HIS C 305 4.38 18.38 -37.32
C HIS C 305 5.20 19.27 -38.24
N VAL C 306 4.80 19.35 -39.51
CA VAL C 306 5.54 20.17 -40.47
C VAL C 306 5.47 21.64 -40.08
N ILE C 307 4.29 22.11 -39.69
CA ILE C 307 4.12 23.52 -39.34
C ILE C 307 4.97 23.88 -38.14
N HIS C 308 4.99 23.01 -37.12
CA HIS C 308 5.85 23.25 -35.97
C HIS C 308 7.31 23.30 -36.39
N GLY C 309 7.78 22.23 -37.07
CA GLY C 309 9.19 22.11 -37.35
C GLY C 309 9.73 23.21 -38.23
N GLY C 310 8.98 23.58 -39.27
CA GLY C 310 9.47 24.58 -40.18
C GLY C 310 9.28 26.02 -39.75
N ILE C 311 8.62 26.26 -38.62
CA ILE C 311 8.27 27.63 -38.24
C ILE C 311 8.75 28.00 -36.84
N VAL C 312 8.35 27.22 -35.82
CA VAL C 312 8.35 27.75 -34.46
C VAL C 312 9.78 28.04 -33.99
N LEU C 313 10.69 27.09 -34.17
CA LEU C 313 12.07 27.26 -33.70
C LEU C 313 12.95 28.11 -34.62
N PRO C 314 12.78 28.07 -35.96
CA PRO C 314 13.62 28.96 -36.79
C PRO C 314 13.50 30.43 -36.45
N LEU C 315 12.31 30.90 -36.05
CA LEU C 315 12.18 32.30 -35.65
C LEU C 315 13.01 32.61 -34.42
N ILE C 316 12.98 31.72 -33.43
CA ILE C 316 13.78 31.91 -32.23
C ILE C 316 15.27 31.90 -32.57
N TYR C 317 15.66 31.00 -33.49
CA TYR C 317 17.05 30.96 -33.92
C TYR C 317 17.46 32.25 -34.59
N PHE C 318 16.60 32.80 -35.46
CA PHE C 318 16.92 34.04 -36.14
C PHE C 318 16.93 35.23 -35.19
N VAL C 319 16.17 35.14 -34.10
CA VAL C 319 16.13 36.25 -33.13
C VAL C 319 17.51 36.50 -32.55
N PHE C 320 18.22 35.45 -32.17
CA PHE C 320 19.50 35.60 -31.51
C PHE C 320 20.70 35.33 -32.42
N THR C 321 20.47 34.83 -33.64
CA THR C 321 21.58 34.52 -34.53
C THR C 321 21.93 35.70 -35.42
N ARG C 322 20.92 36.45 -35.86
CA ARG C 322 21.12 37.61 -36.75
C ARG C 322 21.83 37.21 -38.04
N LYS C 323 21.52 36.02 -38.54
CA LYS C 323 22.14 35.50 -39.76
C LYS C 323 21.10 34.71 -40.54
N ASN C 324 21.56 33.99 -41.56
CA ASN C 324 20.67 33.27 -42.46
C ASN C 324 20.49 31.84 -41.97
N PRO C 325 19.27 31.43 -41.59
CA PRO C 325 19.05 30.01 -41.28
C PRO C 325 19.13 29.12 -42.50
N PHE C 326 19.01 29.67 -43.71
CA PHE C 326 19.13 28.86 -44.91
C PHE C 326 20.52 28.27 -45.04
N ARG C 327 21.55 29.06 -44.70
CA ARG C 327 22.92 28.58 -44.77
C ARG C 327 23.18 27.45 -43.79
N PHE C 328 22.32 27.29 -42.77
CA PHE C 328 22.57 26.31 -41.72
C PHE C 328 22.39 24.89 -42.23
N LEU C 329 21.28 24.63 -42.92
CA LEU C 329 20.90 23.26 -43.27
C LEU C 329 21.34 22.83 -44.66
N LEU C 330 22.05 23.67 -45.41
CA LEU C 330 22.47 23.29 -46.75
C LEU C 330 23.51 22.16 -46.73
N GLY C 331 24.38 22.14 -45.74
CA GLY C 331 25.37 21.09 -45.64
C GLY C 331 24.86 19.89 -44.86
N LEU C 332 23.65 20.00 -44.33
CA LEU C 332 23.05 18.95 -43.52
C LEU C 332 21.99 18.15 -44.26
N LEU C 333 21.90 18.27 -45.59
CA LEU C 333 20.82 17.63 -46.32
C LEU C 333 20.88 16.11 -46.23
N ALA C 334 22.08 15.54 -46.25
CA ALA C 334 22.22 14.09 -46.23
C ALA C 334 21.98 13.50 -44.85
N PRO C 335 22.51 14.12 -43.75
CA PRO C 335 22.15 13.62 -42.42
C PRO C 335 20.65 13.67 -42.15
N PHE C 336 19.98 14.71 -42.64
CA PHE C 336 18.52 14.78 -42.48
C PHE C 336 17.85 13.65 -43.25
N ALA C 337 18.30 13.36 -44.46
CA ALA C 337 17.72 12.27 -45.24
C ALA C 337 17.93 10.93 -44.56
N THR C 338 19.13 10.68 -44.03
CA THR C 338 19.38 9.40 -43.39
C THR C 338 18.65 9.29 -42.07
N ALA C 339 18.40 10.41 -41.38
CA ALA C 339 17.57 10.39 -40.19
C ALA C 339 16.12 10.08 -40.53
N PHE C 340 15.64 10.63 -41.65
CA PHE C 340 14.30 10.31 -42.12
C PHE C 340 14.16 8.84 -42.49
N ALA C 341 15.18 8.29 -43.14
CA ALA C 341 15.13 6.91 -43.59
C ALA C 341 15.33 5.90 -42.47
N THR C 342 16.13 6.25 -41.44
CA THR C 342 16.47 5.27 -40.42
C THR C 342 15.33 4.99 -39.47
N CYS C 343 14.34 5.89 -39.38
CA CYS C 343 13.20 5.78 -38.49
C CYS C 343 13.60 5.73 -37.01
N SER C 344 14.86 6.06 -36.69
CA SER C 344 15.31 6.03 -35.31
C SER C 344 16.44 7.06 -35.17
N SER C 345 16.12 8.22 -34.62
CA SER C 345 17.09 9.29 -34.50
C SER C 345 18.27 8.91 -33.61
N SER C 346 18.08 7.99 -32.68
CA SER C 346 19.19 7.58 -31.81
C SER C 346 20.31 6.93 -32.60
N ALA C 347 19.98 6.14 -33.62
CA ALA C 347 21.00 5.48 -34.43
C ALA C 347 21.86 6.49 -35.18
N THR C 348 21.23 7.53 -35.73
CA THR C 348 21.92 8.54 -36.53
C THR C 348 22.47 9.69 -35.68
N LEU C 349 22.67 9.47 -34.38
CA LEU C 349 23.22 10.49 -33.51
C LEU C 349 24.60 11.00 -33.95
N PRO C 350 25.59 10.14 -34.25
CA PRO C 350 26.90 10.69 -34.65
C PRO C 350 26.87 11.52 -35.91
N SER C 351 25.87 11.32 -36.78
CA SER C 351 25.83 12.05 -38.05
C SER C 351 25.67 13.54 -37.83
N MET C 352 24.85 13.94 -36.85
CA MET C 352 24.61 15.35 -36.58
C MET C 352 25.93 16.05 -36.24
N MET C 353 26.66 15.49 -35.27
CA MET C 353 27.93 16.10 -34.87
C MET C 353 28.96 16.01 -35.99
N LYS C 354 29.01 14.88 -36.70
CA LYS C 354 29.96 14.74 -37.79
C LYS C 354 29.78 15.80 -38.86
N CYS C 355 28.53 16.20 -39.14
CA CYS C 355 28.33 17.22 -40.15
C CYS C 355 28.53 18.63 -39.58
N ILE C 356 27.91 18.92 -38.44
CA ILE C 356 27.91 20.29 -37.93
C ILE C 356 29.27 20.65 -37.32
N GLU C 357 30.17 19.69 -37.16
CA GLU C 357 31.49 20.02 -36.63
C GLU C 357 32.27 20.91 -37.58
N GLU C 358 32.08 20.75 -38.88
CA GLU C 358 32.74 21.59 -39.87
C GLU C 358 31.79 22.43 -40.69
N ASN C 359 30.54 21.99 -40.89
CA ASN C 359 29.61 22.78 -41.68
C ASN C 359 29.20 24.06 -40.94
N ASN C 360 29.03 23.97 -39.63
CA ASN C 360 28.60 25.10 -38.82
C ASN C 360 29.67 25.45 -37.79
N GLY C 361 29.73 26.73 -37.43
CA GLY C 361 30.69 27.20 -36.45
C GLY C 361 30.28 26.88 -35.03
N VAL C 362 30.33 25.59 -34.68
CA VAL C 362 29.91 25.13 -33.38
C VAL C 362 31.13 24.92 -32.49
N ASP C 363 30.89 24.84 -31.19
CA ASP C 363 31.95 24.58 -30.23
C ASP C 363 32.25 23.09 -30.16
N LYS C 364 33.33 22.75 -29.45
CA LYS C 364 33.74 21.37 -29.33
C LYS C 364 33.18 20.70 -28.08
N ARG C 365 33.15 21.43 -26.96
CA ARG C 365 32.66 20.85 -25.71
C ARG C 365 31.17 20.53 -25.80
N ILE C 366 30.36 21.55 -26.10
CA ILE C 366 28.91 21.38 -26.09
C ILE C 366 28.47 20.37 -27.14
N SER C 367 29.23 20.27 -28.24
CA SER C 367 28.86 19.34 -29.30
C SER C 367 28.83 17.89 -28.83
N ARG C 368 29.61 17.54 -27.80
CA ARG C 368 29.64 16.18 -27.27
C ARG C 368 29.34 16.13 -25.78
N PHE C 369 28.65 17.14 -25.24
CA PHE C 369 28.42 17.22 -23.81
C PHE C 369 26.94 17.11 -23.44
N ILE C 370 26.08 17.93 -24.05
CA ILE C 370 24.67 17.96 -23.70
C ILE C 370 23.81 17.23 -24.72
N LEU C 371 24.27 17.05 -25.96
CA LEU C 371 23.46 16.38 -26.96
C LEU C 371 23.06 14.96 -26.60
N PRO C 372 23.94 14.08 -26.10
CA PRO C 372 23.47 12.75 -25.69
C PRO C 372 22.39 12.79 -24.62
N ILE C 373 22.47 13.74 -23.70
CA ILE C 373 21.46 13.87 -22.65
C ILE C 373 20.15 14.39 -23.22
N GLY C 374 20.21 15.38 -24.10
CA GLY C 374 19.00 15.96 -24.68
C GLY C 374 18.33 15.11 -25.73
N ALA C 375 19.02 14.11 -26.26
CA ALA C 375 18.42 13.23 -27.26
C ALA C 375 17.46 12.22 -26.64
N THR C 376 17.45 12.09 -25.32
CA THR C 376 16.58 11.14 -24.63
C THR C 376 15.44 11.80 -23.88
N VAL C 377 15.63 12.99 -23.34
CA VAL C 377 14.61 13.66 -22.53
C VAL C 377 13.71 14.53 -23.40
N ASN C 378 14.30 15.23 -24.38
CA ASN C 378 13.54 16.16 -25.21
C ASN C 378 12.92 15.38 -26.37
N MET C 379 11.61 15.15 -26.30
CA MET C 379 10.84 14.59 -27.40
C MET C 379 9.85 15.65 -27.87
N ASP C 380 9.81 15.89 -29.18
CA ASP C 380 9.01 16.96 -29.76
C ASP C 380 7.79 16.47 -30.51
N GLY C 381 7.97 15.68 -31.57
CA GLY C 381 6.83 15.19 -32.33
C GLY C 381 6.02 14.19 -31.54
N ALA C 382 6.65 13.53 -30.57
CA ALA C 382 5.92 12.57 -29.74
C ALA C 382 4.76 13.23 -29.01
N ALA C 383 4.99 14.38 -28.38
CA ALA C 383 3.92 15.09 -27.68
C ALA C 383 2.79 15.45 -28.61
N ILE C 384 3.13 15.89 -29.83
CA ILE C 384 2.12 16.12 -30.85
C ILE C 384 1.31 14.85 -31.07
N PHE C 385 1.99 13.71 -31.13
CA PHE C 385 1.32 12.45 -31.38
C PHE C 385 0.32 12.13 -30.27
N GLN C 386 0.73 12.22 -29.01
CA GLN C 386 -0.20 11.91 -27.93
C GLN C 386 -1.36 12.90 -27.91
N CYS C 387 -1.08 14.19 -28.17
CA CYS C 387 -2.14 15.19 -28.14
C CYS C 387 -3.19 14.92 -29.21
N VAL C 388 -2.73 14.69 -30.45
CA VAL C 388 -3.67 14.46 -31.54
C VAL C 388 -4.39 13.13 -31.38
N ALA C 389 -3.78 12.14 -30.72
CA ALA C 389 -4.48 10.90 -30.46
C ALA C 389 -5.56 11.10 -29.40
N ALA C 390 -5.20 11.77 -28.31
CA ALA C 390 -6.14 11.96 -27.21
C ALA C 390 -7.36 12.74 -27.69
N VAL C 391 -7.14 13.83 -28.42
CA VAL C 391 -8.27 14.59 -28.94
C VAL C 391 -9.06 13.75 -29.95
N PHE C 392 -8.38 12.84 -30.66
CA PHE C 392 -9.06 12.04 -31.66
C PHE C 392 -10.06 11.09 -31.01
N ILE C 393 -9.62 10.34 -30.01
CA ILE C 393 -10.57 9.49 -29.27
C ILE C 393 -11.61 10.33 -28.56
N ALA C 394 -11.23 11.52 -28.07
CA ALA C 394 -12.23 12.38 -27.44
C ALA C 394 -13.34 12.75 -28.41
N GLN C 395 -12.98 13.06 -29.66
CA GLN C 395 -13.97 13.38 -30.68
C GLN C 395 -14.77 12.16 -31.13
N LEU C 396 -14.15 10.98 -31.15
CA LEU C 396 -14.91 9.76 -31.46
C LEU C 396 -15.96 9.50 -30.38
N ASN C 397 -15.61 9.69 -29.12
CA ASN C 397 -16.51 9.36 -28.03
C ASN C 397 -17.49 10.49 -27.68
N ASN C 398 -17.29 11.69 -28.24
CA ASN C 398 -18.19 12.83 -28.02
C ASN C 398 -18.41 13.10 -26.54
N VAL C 399 -17.31 13.20 -25.80
CA VAL C 399 -17.41 13.30 -24.34
C VAL C 399 -17.72 14.73 -23.92
N GLU C 400 -16.80 15.65 -24.18
CA GLU C 400 -16.92 17.03 -23.70
C GLU C 400 -15.71 17.81 -24.18
N LEU C 401 -15.82 19.14 -24.11
CA LEU C 401 -14.66 19.99 -24.27
C LEU C 401 -13.91 20.15 -22.96
N ASN C 402 -14.56 20.76 -21.96
CA ASN C 402 -14.08 20.84 -20.58
C ASN C 402 -12.63 21.35 -20.53
N ALA C 403 -12.49 22.64 -20.84
CA ALA C 403 -11.18 23.29 -20.84
C ALA C 403 -10.35 22.94 -19.60
N GLY C 404 -11.01 22.71 -18.46
CA GLY C 404 -10.30 22.21 -17.31
C GLY C 404 -9.59 20.90 -17.59
N GLN C 405 -10.24 20.00 -18.32
CA GLN C 405 -9.57 18.77 -18.75
C GLN C 405 -8.55 19.06 -19.85
N ILE C 406 -8.74 20.13 -20.62
CA ILE C 406 -7.75 20.49 -21.62
C ILE C 406 -6.43 20.85 -20.94
N PHE C 407 -6.49 21.53 -19.80
CA PHE C 407 -5.28 21.83 -19.06
C PHE C 407 -4.61 20.56 -18.53
N THR C 408 -5.41 19.63 -17.98
CA THR C 408 -4.81 18.46 -17.35
C THR C 408 -4.20 17.53 -18.39
N ILE C 409 -4.86 17.35 -19.54
CA ILE C 409 -4.28 16.49 -20.57
C ILE C 409 -2.99 17.11 -21.10
N LEU C 410 -2.97 18.43 -21.26
CA LEU C 410 -1.77 19.12 -21.74
C LEU C 410 -0.63 18.97 -20.74
N VAL C 411 -0.91 19.17 -19.45
CA VAL C 411 0.17 19.10 -18.46
C VAL C 411 0.67 17.67 -18.32
N THR C 412 -0.21 16.67 -18.40
CA THR C 412 0.23 15.28 -18.34
C THR C 412 1.09 14.94 -19.55
N ALA C 413 0.68 15.42 -20.74
CA ALA C 413 1.49 15.17 -21.93
C ALA C 413 2.87 15.81 -21.82
N THR C 414 2.93 17.04 -21.31
CA THR C 414 4.22 17.70 -21.15
C THR C 414 5.09 16.98 -20.12
N ALA C 415 4.50 16.57 -19.00
CA ALA C 415 5.28 15.93 -17.94
C ALA C 415 5.74 14.53 -18.35
N SER C 416 4.96 13.83 -19.15
CA SER C 416 5.31 12.50 -19.60
C SER C 416 6.33 12.50 -20.73
N SER C 417 6.75 13.68 -21.18
CA SER C 417 7.77 13.77 -22.23
C SER C 417 9.14 13.35 -21.72
N VAL C 418 9.26 12.99 -20.44
CA VAL C 418 10.51 12.47 -19.90
C VAL C 418 10.46 10.95 -19.77
N GLY C 419 9.47 10.30 -20.38
CA GLY C 419 9.30 8.87 -20.24
C GLY C 419 10.02 8.04 -21.28
N ALA C 420 9.31 7.14 -21.93
CA ALA C 420 9.93 6.26 -22.92
C ALA C 420 10.38 7.06 -24.14
N ALA C 421 11.57 6.74 -24.64
CA ALA C 421 12.13 7.44 -25.79
C ALA C 421 13.15 6.54 -26.46
N GLY C 422 13.53 6.91 -27.68
CA GLY C 422 14.50 6.16 -28.44
C GLY C 422 13.89 5.02 -29.23
N VAL C 423 13.24 4.10 -28.53
CA VAL C 423 12.58 2.97 -29.21
C VAL C 423 11.40 3.49 -30.02
N PRO C 424 11.17 2.99 -31.22
CA PRO C 424 10.00 3.44 -31.99
C PRO C 424 8.70 3.03 -31.32
N ALA C 425 7.68 3.87 -31.49
CA ALA C 425 6.34 3.64 -30.94
C ALA C 425 6.38 3.45 -29.42
N GLY C 426 7.23 4.20 -28.75
CA GLY C 426 7.34 4.11 -27.30
C GLY C 426 6.28 4.92 -26.58
N GLY C 427 5.58 5.78 -27.33
CA GLY C 427 4.59 6.66 -26.73
C GLY C 427 3.25 6.01 -26.46
N VAL C 428 3.10 4.71 -26.76
CA VAL C 428 1.83 4.05 -26.53
C VAL C 428 1.49 4.02 -25.05
N LEU C 429 2.50 3.81 -24.20
CA LEU C 429 2.27 3.86 -22.76
C LEU C 429 1.90 5.28 -22.32
N THR C 430 2.51 6.30 -22.94
CA THR C 430 2.13 7.67 -22.66
C THR C 430 0.67 7.93 -23.00
N ILE C 431 0.21 7.40 -24.14
CA ILE C 431 -1.20 7.54 -24.50
C ILE C 431 -2.08 6.81 -23.49
N ALA C 432 -1.66 5.61 -23.09
CA ALA C 432 -2.48 4.82 -22.16
C ALA C 432 -2.64 5.53 -20.82
N ILE C 433 -1.54 6.07 -20.28
CA ILE C 433 -1.62 6.68 -18.96
C ILE C 433 -2.45 7.96 -19.00
N ILE C 434 -2.30 8.77 -20.05
CA ILE C 434 -3.10 9.98 -20.14
C ILE C 434 -4.57 9.67 -20.40
N LEU C 435 -4.89 8.59 -21.11
CA LEU C 435 -6.27 8.17 -21.24
C LEU C 435 -6.83 7.70 -19.90
N GLU C 436 -6.01 6.99 -19.12
CA GLU C 436 -6.46 6.56 -17.79
C GLU C 436 -6.68 7.76 -16.88
N ALA C 437 -5.89 8.82 -17.07
CA ALA C 437 -6.06 10.04 -16.27
C ALA C 437 -7.44 10.66 -16.44
N ILE C 438 -8.11 10.40 -17.57
CA ILE C 438 -9.46 10.91 -17.79
C ILE C 438 -10.51 9.83 -17.66
N GLY C 439 -10.12 8.55 -17.58
CA GLY C 439 -11.07 7.47 -17.40
C GLY C 439 -11.83 7.10 -18.66
N LEU C 440 -11.23 7.25 -19.83
CA LEU C 440 -11.92 6.87 -21.05
C LEU C 440 -11.60 5.43 -21.42
N PRO C 441 -12.52 4.71 -22.07
CA PRO C 441 -12.22 3.33 -22.49
C PRO C 441 -11.13 3.27 -23.54
N THR C 442 -10.08 2.52 -23.26
CA THR C 442 -8.93 2.39 -24.14
C THR C 442 -9.09 1.28 -25.18
N HIS C 443 -10.33 0.85 -25.43
CA HIS C 443 -10.59 -0.25 -26.34
C HIS C 443 -10.33 0.14 -27.79
N ASP C 444 -10.13 1.43 -28.04
CA ASP C 444 -9.88 1.93 -29.39
C ASP C 444 -8.39 2.17 -29.63
N LEU C 445 -7.55 1.65 -28.74
CA LEU C 445 -6.12 1.83 -28.88
C LEU C 445 -5.51 1.26 -30.16
N PRO C 446 -5.81 0.02 -30.59
CA PRO C 446 -5.03 -0.56 -31.70
C PRO C 446 -5.01 0.26 -32.98
N LEU C 447 -6.15 0.86 -33.34
CA LEU C 447 -6.25 1.55 -34.62
C LEU C 447 -5.27 2.71 -34.74
N ILE C 448 -4.56 3.05 -33.68
CA ILE C 448 -3.62 4.17 -33.74
C ILE C 448 -2.23 3.69 -34.13
N LEU C 449 -1.87 2.45 -33.79
CA LEU C 449 -0.53 1.98 -34.14
C LEU C 449 -0.54 1.06 -35.35
N ALA C 450 -1.65 0.97 -36.08
CA ALA C 450 -1.64 0.28 -37.36
C ALA C 450 -1.01 1.14 -38.44
N VAL C 451 -0.84 2.44 -38.19
CA VAL C 451 -0.26 3.36 -39.16
C VAL C 451 0.96 4.09 -38.61
N ASP C 452 1.44 3.72 -37.43
CA ASP C 452 2.54 4.42 -36.77
C ASP C 452 3.83 4.39 -37.58
N TRP C 453 3.92 3.46 -38.54
CA TRP C 453 5.11 3.31 -39.36
C TRP C 453 5.36 4.51 -40.27
N ILE C 454 4.47 5.50 -40.27
CA ILE C 454 4.69 6.75 -40.99
C ILE C 454 4.87 7.92 -40.03
N VAL C 455 4.06 7.96 -38.95
CA VAL C 455 4.21 9.02 -37.98
C VAL C 455 5.57 8.92 -37.28
N ASP C 456 6.18 7.73 -37.25
CA ASP C 456 7.52 7.62 -36.70
C ASP C 456 8.52 8.43 -37.51
N ARG C 457 8.51 8.29 -38.83
CA ARG C 457 9.36 9.11 -39.68
C ARG C 457 8.98 10.58 -39.55
N THR C 458 7.68 10.86 -39.47
CA THR C 458 7.24 12.25 -39.36
C THR C 458 7.74 12.91 -38.08
N THR C 459 7.80 12.17 -36.98
CA THR C 459 8.11 12.76 -35.68
C THR C 459 9.59 12.72 -35.32
N THR C 460 10.33 11.68 -35.72
CA THR C 460 11.74 11.61 -35.33
C THR C 460 12.55 12.72 -35.95
N VAL C 461 12.26 13.10 -37.19
CA VAL C 461 13.04 14.12 -37.86
C VAL C 461 12.89 15.47 -37.16
N VAL C 462 11.65 15.83 -36.81
CA VAL C 462 11.45 17.10 -36.11
C VAL C 462 11.99 17.00 -34.69
N ASN C 463 11.91 15.83 -34.06
CA ASN C 463 12.43 15.66 -32.72
C ASN C 463 13.94 15.90 -32.68
N VAL C 464 14.66 15.35 -33.65
CA VAL C 464 16.10 15.57 -33.68
C VAL C 464 16.44 16.99 -34.14
N GLU C 465 15.67 17.55 -35.08
CA GLU C 465 15.93 18.92 -35.51
C GLU C 465 15.76 19.91 -34.37
N GLY C 466 14.80 19.65 -33.48
CA GLY C 466 14.58 20.50 -32.32
C GLY C 466 15.82 20.69 -31.47
N ASP C 467 16.33 19.60 -30.89
CA ASP C 467 17.50 19.75 -30.03
C ASP C 467 18.76 20.03 -30.83
N ALA C 468 18.77 19.72 -32.13
CA ALA C 468 19.90 20.13 -32.97
C ALA C 468 19.99 21.65 -33.05
N LEU C 469 18.87 22.30 -33.39
CA LEU C 469 18.88 23.76 -33.43
C LEU C 469 19.02 24.36 -32.03
N GLY C 470 18.57 23.64 -31.00
CA GLY C 470 18.83 24.09 -29.65
C GLY C 470 20.31 24.13 -29.33
N ALA C 471 21.03 23.07 -29.69
CA ALA C 471 22.48 23.08 -29.52
C ALA C 471 23.12 24.18 -30.35
N GLY C 472 22.62 24.41 -31.56
CA GLY C 472 23.15 25.48 -32.38
C GLY C 472 22.97 26.85 -31.75
N ILE C 473 21.78 27.13 -31.22
CA ILE C 473 21.54 28.44 -30.62
C ILE C 473 22.31 28.58 -29.32
N LEU C 474 22.49 27.50 -28.56
CA LEU C 474 23.37 27.56 -27.39
C LEU C 474 24.82 27.85 -27.80
N HIS C 475 25.27 27.26 -28.90
CA HIS C 475 26.62 27.56 -29.40
C HIS C 475 26.73 29.03 -29.77
N HIS C 476 25.70 29.57 -30.42
CA HIS C 476 25.70 31.00 -30.74
C HIS C 476 25.73 31.85 -29.48
N LEU C 477 24.97 31.45 -28.45
CA LEU C 477 24.98 32.18 -27.19
C LEU C 477 26.38 32.17 -26.57
N ASN C 478 27.04 31.02 -26.57
CA ASN C 478 28.41 30.93 -26.08
C ASN C 478 29.38 31.74 -26.92
N GLN C 479 29.10 31.90 -28.22
CA GLN C 479 29.92 32.78 -29.05
C GLN C 479 29.82 34.22 -28.59
N LYS C 480 28.69 34.60 -27.98
CA LYS C 480 28.51 35.95 -27.45
C LYS C 480 29.09 36.12 -26.05
N ALA C 481 29.63 35.07 -25.46
CA ALA C 481 30.22 35.11 -24.12
C ALA C 481 29.24 35.63 -23.09
#